data_7BPK
#
_entry.id   7BPK
#
_cell.length_a   78.462
_cell.length_b   103.790
_cell.length_c   205.818
_cell.angle_alpha   90.000
_cell.angle_beta   90.000
_cell.angle_gamma   90.000
#
_symmetry.space_group_name_H-M   'P 21 21 21'
#
loop_
_entity.id
_entity.type
_entity.pdbx_description
1 polymer 'Envelope protein'
2 polymer 'Z3L1 Heavy chain'
3 polymer 'IG c307_light_IGLV1-51_IGLJ2'
#
loop_
_entity_poly.entity_id
_entity_poly.type
_entity_poly.pdbx_seq_one_letter_code
_entity_poly.pdbx_strand_id
1 'polypeptide(L)'
;MIRCIGVSNRDFVEGMSGGTWVDVVLEHGGCVTVMAQDKPTVDIELVTTTVSNMAEVRSYCYEASISDMASDSRCPTQGE
AYLDKQSDTQYVCKRTLVNRGWGTGCLEWGKGSLVTCAKFACSKKMTGKSIQPENLEYRIMLSVHGSQHSGMIVNDTGHE
TDENRAKVEITPNSPRAEATLGGFGSLGLDCEPRTGLDFSDLYYLTMNNKHWLVHKEWFHDIPLPWHAGADTGTPHWNNK
EALVEFKDAHAKRQTVVVLGSQEGAVHTALAGALEAEMDGAKGRLSSGHLKCRLKMDKLRLKGVSYSLCTAAFTFTKIPA
ETLHGTVTVEVQYAGTDGPCKVPAQMAVDMQTLTPVGRLITANPVITESTENSKMMLELDPPFGDSYIVIGVGEKKITHH
WHRSGSTIGKHHHHHH
;
A,B
2 'polypeptide(L)'
;EVQLVESGGGVVQPGRSLRLSCAASGFTFSSYAMHWVRQAPGKGLEWVAVISYDGSNKYYADSVKGRFTISRDNSKSTLY
LQMNNLRAEDTAVYYCARDHLGWSSIWSAPESFLDYWGQGTLVTVSS
;
C,H
3 'polypeptide(L)'
;QSVLTQPPSVSAAPGQKVTISCSGSSSNIGNNYVSWYQQLPGTAPKLLIYDSNKRPSGIPDRFSGSKSGTSATLGITGLQ
TGDEADYYCGTWDSSLSVWVFGGGTKLT
;
D,L
#
# COMPACT_ATOMS: atom_id res chain seq x y z
N MET A 1 -35.20 -5.28 -29.94
CA MET A 1 -34.53 -6.58 -30.02
C MET A 1 -33.02 -6.41 -30.03
N ILE A 2 -32.60 -5.27 -30.55
CA ILE A 2 -31.24 -5.04 -31.04
C ILE A 2 -30.17 -5.56 -30.09
N ARG A 3 -30.33 -5.28 -28.79
CA ARG A 3 -29.35 -5.76 -27.82
C ARG A 3 -29.33 -7.27 -27.74
N CYS A 4 -30.44 -7.93 -28.05
CA CYS A 4 -30.51 -9.39 -28.01
C CYS A 4 -29.91 -10.01 -29.27
N ILE A 5 -30.19 -9.42 -30.44
CA ILE A 5 -29.70 -9.99 -31.70
C ILE A 5 -28.27 -9.56 -32.00
N GLY A 6 -27.69 -8.66 -31.22
CA GLY A 6 -26.31 -8.26 -31.39
C GLY A 6 -25.39 -8.96 -30.42
N VAL A 7 -25.96 -9.64 -29.43
CA VAL A 7 -25.16 -10.34 -28.42
C VAL A 7 -24.49 -11.56 -29.05
N SER A 8 -23.35 -11.95 -28.48
CA SER A 8 -22.62 -13.10 -29.00
C SER A 8 -23.21 -14.42 -28.50
N ASN A 9 -23.56 -14.49 -27.23
CA ASN A 9 -24.12 -15.71 -26.63
C ASN A 9 -25.64 -15.64 -26.76
N ARG A 10 -26.15 -16.15 -27.88
CA ARG A 10 -27.58 -16.12 -28.19
C ARG A 10 -28.03 -17.52 -28.57
N ASP A 11 -28.73 -18.19 -27.66
CA ASP A 11 -29.28 -19.52 -27.93
C ASP A 11 -30.66 -19.38 -28.57
N PHE A 12 -30.99 -20.35 -29.42
CA PHE A 12 -32.29 -20.39 -30.10
C PHE A 12 -33.05 -21.61 -29.62
N VAL A 13 -34.10 -21.38 -28.83
CA VAL A 13 -34.96 -22.45 -28.34
C VAL A 13 -36.26 -22.44 -29.14
N GLU A 14 -36.72 -23.62 -29.52
CA GLU A 14 -37.92 -23.78 -30.33
C GLU A 14 -39.03 -24.40 -29.49
N GLY A 15 -40.25 -23.94 -29.72
CA GLY A 15 -41.41 -24.49 -29.03
C GLY A 15 -41.90 -25.78 -29.63
N MET A 16 -43.22 -25.94 -29.69
CA MET A 16 -43.84 -27.12 -30.28
C MET A 16 -45.00 -26.70 -31.19
N SER A 17 -45.76 -27.68 -31.69
CA SER A 17 -46.96 -27.35 -32.44
C SER A 17 -47.95 -26.58 -31.58
N GLY A 18 -48.41 -27.20 -30.50
CA GLY A 18 -49.22 -26.52 -29.52
C GLY A 18 -48.68 -26.72 -28.11
N GLY A 19 -47.36 -26.90 -28.01
CA GLY A 19 -46.74 -27.16 -26.73
C GLY A 19 -46.86 -25.99 -25.77
N THR A 20 -46.73 -26.30 -24.48
CA THR A 20 -46.86 -25.32 -23.43
C THR A 20 -45.60 -25.13 -22.58
N TRP A 21 -44.57 -25.96 -22.76
CA TRP A 21 -43.37 -25.87 -21.94
C TRP A 21 -42.12 -25.96 -22.81
N VAL A 22 -41.16 -25.08 -22.55
CA VAL A 22 -39.82 -25.15 -23.13
C VAL A 22 -38.81 -24.85 -22.02
N ASP A 23 -37.61 -25.39 -22.18
CA ASP A 23 -36.54 -25.17 -21.21
C ASP A 23 -35.53 -24.19 -21.78
N VAL A 24 -34.99 -23.34 -20.90
CA VAL A 24 -34.03 -22.31 -21.30
C VAL A 24 -32.92 -22.22 -20.26
N VAL A 25 -31.75 -21.79 -20.71
CA VAL A 25 -30.62 -21.51 -19.83
C VAL A 25 -30.30 -20.02 -19.94
N LEU A 26 -30.40 -19.31 -18.83
CA LEU A 26 -30.26 -17.86 -18.80
C LEU A 26 -28.93 -17.50 -18.13
N GLU A 27 -27.98 -17.00 -18.92
CA GLU A 27 -26.70 -16.52 -18.42
C GLU A 27 -26.59 -15.02 -18.67
N HIS A 28 -25.70 -14.40 -17.90
CA HIS A 28 -25.50 -12.96 -18.02
C HIS A 28 -24.87 -12.61 -19.37
N GLY A 29 -25.17 -11.40 -19.85
CA GLY A 29 -24.71 -10.98 -21.16
C GLY A 29 -25.12 -11.92 -22.27
N GLY A 30 -26.30 -12.52 -22.17
CA GLY A 30 -26.77 -13.44 -23.18
C GLY A 30 -28.27 -13.32 -23.34
N CYS A 31 -28.75 -13.84 -24.48
CA CYS A 31 -30.17 -13.77 -24.82
C CYS A 31 -30.63 -15.10 -25.36
N VAL A 32 -31.89 -15.43 -25.09
CA VAL A 32 -32.53 -16.64 -25.59
C VAL A 32 -33.74 -16.23 -26.41
N THR A 33 -33.71 -16.55 -27.71
CA THR A 33 -34.82 -16.27 -28.60
C THR A 33 -35.72 -17.49 -28.68
N VAL A 34 -36.95 -17.36 -28.23
CA VAL A 34 -37.88 -18.48 -28.12
C VAL A 34 -38.90 -18.38 -29.25
N MET A 35 -38.79 -19.27 -30.23
CA MET A 35 -39.73 -19.34 -31.33
C MET A 35 -40.70 -20.49 -31.13
N ALA A 36 -41.91 -20.33 -31.67
CA ALA A 36 -42.93 -21.36 -31.57
C ALA A 36 -43.85 -21.29 -32.78
N GLN A 37 -44.49 -22.42 -33.06
CA GLN A 37 -45.41 -22.53 -34.20
C GLN A 37 -46.65 -21.69 -33.96
N ASP A 38 -46.91 -20.73 -34.85
CA ASP A 38 -48.06 -19.84 -34.74
C ASP A 38 -48.09 -19.15 -33.38
N LYS A 39 -46.94 -18.69 -32.92
CA LYS A 39 -46.80 -17.93 -31.70
C LYS A 39 -45.80 -16.79 -31.94
N PRO A 40 -45.97 -15.66 -31.26
CA PRO A 40 -45.01 -14.57 -31.41
C PRO A 40 -43.67 -14.92 -30.80
N THR A 41 -42.61 -14.34 -31.36
CA THR A 41 -41.27 -14.59 -30.89
C THR A 41 -40.96 -13.67 -29.72
N VAL A 42 -40.52 -14.26 -28.60
CA VAL A 42 -40.20 -13.52 -27.39
C VAL A 42 -38.74 -13.73 -27.06
N ASP A 43 -38.12 -12.70 -26.49
CA ASP A 43 -36.73 -12.74 -26.07
C ASP A 43 -36.64 -12.82 -24.55
N ILE A 44 -35.74 -13.67 -24.06
CA ILE A 44 -35.51 -13.84 -22.63
C ILE A 44 -34.03 -13.57 -22.37
N GLU A 45 -33.75 -12.83 -21.29
CA GLU A 45 -32.38 -12.47 -20.95
C GLU A 45 -32.30 -12.10 -19.48
N LEU A 46 -31.32 -12.64 -18.78
CA LEU A 46 -31.10 -12.33 -17.37
C LEU A 46 -30.27 -11.05 -17.26
N VAL A 47 -30.82 -10.03 -16.61
CA VAL A 47 -30.24 -8.70 -16.62
C VAL A 47 -29.61 -8.32 -15.29
N THR A 48 -30.09 -8.86 -14.16
CA THR A 48 -29.58 -8.43 -12.86
C THR A 48 -29.59 -9.60 -11.89
N THR A 49 -28.41 -10.06 -11.53
CA THR A 49 -28.22 -10.95 -10.39
C THR A 49 -27.70 -10.11 -9.21
N THR A 50 -28.50 -9.99 -8.16
CA THR A 50 -28.18 -9.11 -7.05
C THR A 50 -28.41 -9.82 -5.73
N VAL A 51 -27.54 -9.54 -4.76
CA VAL A 51 -27.62 -10.10 -3.42
C VAL A 51 -27.72 -8.95 -2.43
N SER A 52 -28.38 -9.21 -1.30
CA SER A 52 -28.63 -8.18 -0.32
C SER A 52 -28.76 -8.80 1.06
N ASN A 53 -28.63 -7.94 2.08
CA ASN A 53 -28.79 -8.35 3.48
C ASN A 53 -27.82 -9.47 3.85
N MET A 54 -26.55 -9.27 3.53
CA MET A 54 -25.52 -10.27 3.82
C MET A 54 -24.98 -10.08 5.23
N ALA A 55 -24.72 -11.19 5.90
CA ALA A 55 -24.23 -11.19 7.27
C ALA A 55 -22.71 -11.06 7.28
N GLU A 56 -22.22 -9.97 7.87
CA GLU A 56 -20.78 -9.82 8.05
C GLU A 56 -20.26 -10.87 9.01
N VAL A 57 -19.24 -11.60 8.57
CA VAL A 57 -18.71 -12.75 9.31
C VAL A 57 -17.34 -12.43 9.90
N ARG A 58 -16.42 -11.90 9.11
CA ARG A 58 -15.06 -11.68 9.55
C ARG A 58 -14.42 -10.62 8.65
N SER A 59 -13.66 -9.71 9.27
CA SER A 59 -12.98 -8.63 8.56
C SER A 59 -11.49 -8.74 8.79
N TYR A 60 -10.72 -8.80 7.70
CA TYR A 60 -9.26 -8.84 7.75
C TYR A 60 -8.67 -7.47 7.47
N CYS A 61 -7.53 -7.19 8.12
CA CYS A 61 -6.79 -5.96 7.90
C CYS A 61 -5.59 -6.24 6.99
N TYR A 62 -5.39 -5.35 6.01
CA TYR A 62 -4.31 -5.53 5.04
C TYR A 62 -3.37 -4.34 4.96
N GLU A 63 -3.46 -3.40 5.89
CA GLU A 63 -2.52 -2.29 5.96
C GLU A 63 -2.63 -1.66 7.35
N ALA A 64 -1.51 -1.39 7.98
CA ALA A 64 -1.50 -0.98 9.38
C ALA A 64 -0.29 -0.11 9.67
N SER A 65 -0.32 0.49 10.87
CA SER A 65 0.81 1.25 11.40
C SER A 65 0.76 1.18 12.91
N ILE A 66 1.88 1.50 13.54
CA ILE A 66 2.03 1.36 14.98
C ILE A 66 2.21 2.74 15.62
N SER A 67 2.22 2.75 16.95
CA SER A 67 2.38 3.97 17.74
C SER A 67 2.60 3.56 19.20
N ASP A 68 3.23 4.47 19.95
CA ASP A 68 3.45 4.31 21.38
C ASP A 68 4.20 3.00 21.70
N MET A 69 5.38 2.87 21.12
CA MET A 69 6.23 1.71 21.37
C MET A 69 6.96 1.90 22.69
N ALA A 70 6.62 1.07 23.68
CA ALA A 70 7.25 1.10 24.99
C ALA A 70 7.85 -0.26 25.31
N SER A 71 8.90 -0.26 26.12
CA SER A 71 9.61 -1.48 26.47
C SER A 71 9.91 -1.50 27.97
N ASP A 72 10.22 -2.69 28.47
CA ASP A 72 10.59 -2.88 29.87
C ASP A 72 11.33 -4.20 30.01
N SER A 73 12.50 -4.16 30.64
CA SER A 73 13.31 -5.34 30.87
C SER A 73 13.70 -5.41 32.34
N ARG A 74 14.00 -6.62 32.80
CA ARG A 74 14.43 -6.85 34.17
C ARG A 74 15.58 -7.84 34.19
N CYS A 75 16.36 -7.77 35.27
CA CYS A 75 17.58 -8.53 35.39
C CYS A 75 17.30 -10.04 35.49
N PRO A 76 18.31 -10.86 35.24
CA PRO A 76 18.16 -12.31 35.47
C PRO A 76 17.83 -12.61 36.92
N THR A 77 16.92 -13.55 37.13
CA THR A 77 16.41 -13.93 38.45
C THR A 77 15.80 -12.75 39.20
N GLN A 78 15.36 -11.71 38.49
CA GLN A 78 14.65 -10.60 39.09
C GLN A 78 13.18 -10.58 38.71
N GLY A 79 12.69 -11.66 38.10
CA GLY A 79 11.28 -11.80 37.77
C GLY A 79 10.97 -11.37 36.35
N GLU A 80 9.74 -11.67 35.95
CA GLU A 80 9.26 -11.32 34.61
C GLU A 80 9.11 -9.82 34.46
N ALA A 81 9.20 -9.36 33.22
CA ALA A 81 8.97 -7.95 32.92
C ALA A 81 7.48 -7.68 32.75
N TYR A 82 7.09 -6.42 32.95
CA TYR A 82 5.69 -6.05 32.87
C TYR A 82 5.57 -4.61 32.38
N LEU A 83 4.54 -4.36 31.57
CA LEU A 83 4.16 -3.02 31.17
C LEU A 83 2.68 -2.81 31.46
N ASP A 84 2.31 -1.56 31.73
CA ASP A 84 0.90 -1.24 31.93
C ASP A 84 0.09 -1.55 30.69
N LYS A 85 0.67 -1.31 29.51
CA LYS A 85 -0.01 -1.54 28.23
C LYS A 85 0.01 -3.00 27.81
N GLN A 86 0.58 -3.90 28.63
CA GLN A 86 0.62 -5.31 28.26
C GLN A 86 -0.77 -5.95 28.30
N SER A 87 -1.66 -5.42 29.13
CA SER A 87 -3.02 -5.93 29.22
C SER A 87 -3.96 -5.34 28.18
N ASP A 88 -3.63 -4.16 27.67
CA ASP A 88 -4.48 -3.50 26.67
C ASP A 88 -4.52 -4.32 25.39
N THR A 89 -5.74 -4.66 24.95
CA THR A 89 -5.90 -5.46 23.74
C THR A 89 -5.64 -4.65 22.48
N GLN A 90 -5.70 -3.32 22.56
CA GLN A 90 -5.30 -2.49 21.43
C GLN A 90 -3.79 -2.48 21.21
N TYR A 91 -3.02 -2.96 22.18
CA TYR A 91 -1.58 -3.05 22.09
C TYR A 91 -1.17 -4.51 21.89
N VAL A 92 -0.08 -4.72 21.15
CA VAL A 92 0.47 -6.05 20.92
C VAL A 92 1.89 -6.06 21.46
N CYS A 93 2.22 -7.11 22.23
CA CYS A 93 3.50 -7.22 22.89
C CYS A 93 4.15 -8.55 22.53
N LYS A 94 5.40 -8.71 22.97
CA LYS A 94 6.14 -9.95 22.73
C LYS A 94 7.13 -10.17 23.85
N ARG A 95 6.99 -11.27 24.58
CA ARG A 95 7.98 -11.67 25.56
C ARG A 95 9.25 -12.14 24.86
N THR A 96 10.39 -11.89 25.50
CA THR A 96 11.68 -12.32 24.96
C THR A 96 12.73 -12.24 26.05
N LEU A 97 13.86 -12.91 25.81
CA LEU A 97 14.99 -12.93 26.71
C LEU A 97 16.21 -12.36 26.00
N VAL A 98 17.03 -11.61 26.75
CA VAL A 98 18.22 -10.99 26.20
C VAL A 98 19.30 -11.01 27.28
N ASN A 99 20.55 -11.12 26.83
CA ASN A 99 21.67 -11.24 27.76
C ASN A 99 21.84 -9.95 28.57
N ARG A 100 21.96 -10.10 29.89
CA ARG A 100 22.27 -8.99 30.78
C ARG A 100 23.46 -9.40 31.64
N GLY A 101 24.02 -8.42 32.36
CA GLY A 101 25.16 -8.69 33.20
C GLY A 101 25.61 -7.52 34.05
N TRP A 102 26.92 -7.41 34.26
CA TRP A 102 27.45 -6.39 35.16
C TRP A 102 27.64 -5.05 34.47
N GLY A 103 27.98 -5.03 33.20
CA GLY A 103 28.04 -3.78 32.47
C GLY A 103 26.73 -3.32 31.88
N THR A 104 25.65 -4.08 32.10
CA THR A 104 24.34 -3.75 31.56
C THR A 104 23.33 -3.38 32.65
N GLY A 105 23.80 -3.10 33.86
CA GLY A 105 22.90 -2.67 34.92
C GLY A 105 22.32 -3.75 35.79
N CYS A 106 23.02 -4.87 35.96
CA CYS A 106 22.53 -5.96 36.79
C CYS A 106 23.66 -6.49 37.65
N LEU A 107 23.28 -7.24 38.70
CA LEU A 107 24.25 -7.76 39.66
C LEU A 107 24.65 -9.20 39.38
N GLU A 108 23.92 -9.92 38.54
CA GLU A 108 24.29 -11.27 38.15
C GLU A 108 24.14 -11.43 36.64
N TRP A 109 25.03 -12.21 36.06
CA TRP A 109 24.98 -12.45 34.62
C TRP A 109 23.82 -13.38 34.28
N GLY A 110 23.57 -13.53 32.99
CA GLY A 110 22.51 -14.39 32.49
C GLY A 110 21.52 -13.64 31.62
N LYS A 111 20.41 -14.30 31.32
CA LYS A 111 19.36 -13.76 30.48
C LYS A 111 18.21 -13.25 31.33
N GLY A 112 17.72 -12.06 31.00
CA GLY A 112 16.60 -11.48 31.71
C GLY A 112 15.40 -11.23 30.83
N SER A 113 14.23 -11.00 31.44
CA SER A 113 13.01 -10.82 30.68
C SER A 113 13.00 -9.47 29.97
N LEU A 114 12.13 -9.36 28.97
CA LEU A 114 11.99 -8.14 28.18
C LEU A 114 10.67 -8.20 27.43
N VAL A 115 9.90 -7.12 27.51
CA VAL A 115 8.60 -7.02 26.83
C VAL A 115 8.53 -5.67 26.14
N THR A 116 8.04 -5.66 24.89
CA THR A 116 7.88 -4.45 24.12
C THR A 116 6.51 -4.45 23.46
N CYS A 117 5.78 -3.35 23.62
CA CYS A 117 4.42 -3.24 23.11
C CYS A 117 4.33 -2.10 22.10
N ALA A 118 3.20 -2.05 21.40
CA ALA A 118 2.95 -1.02 20.39
C ALA A 118 1.45 -0.96 20.13
N LYS A 119 0.93 0.26 19.98
CA LYS A 119 -0.50 0.43 19.75
C LYS A 119 -0.85 0.01 18.33
N PHE A 120 -1.83 -0.88 18.21
CA PHE A 120 -2.20 -1.48 16.93
C PHE A 120 -3.29 -0.64 16.27
N ALA A 121 -2.97 -0.08 15.11
CA ALA A 121 -3.94 0.66 14.30
C ALA A 121 -3.95 0.10 12.89
N CYS A 122 -5.14 -0.03 12.31
CA CYS A 122 -5.31 -0.63 10.99
C CYS A 122 -5.69 0.45 10.00
N SER A 123 -4.85 0.64 8.97
CA SER A 123 -5.14 1.64 7.95
C SER A 123 -6.38 1.27 7.14
N LYS A 124 -6.36 0.10 6.49
CA LYS A 124 -7.45 -0.36 5.67
C LYS A 124 -7.76 -1.81 5.99
N LYS A 125 -9.02 -2.21 5.81
CA LYS A 125 -9.44 -3.57 6.07
C LYS A 125 -10.34 -4.05 4.93
N MET A 126 -10.60 -5.36 4.92
CA MET A 126 -11.54 -5.97 4.00
C MET A 126 -12.53 -6.82 4.79
N THR A 127 -13.74 -6.96 4.26
CA THR A 127 -14.83 -7.63 4.96
C THR A 127 -15.37 -8.78 4.14
N GLY A 128 -15.63 -9.91 4.80
CA GLY A 128 -16.24 -11.05 4.16
C GLY A 128 -17.65 -11.31 4.67
N LYS A 129 -18.63 -11.17 3.79
CA LYS A 129 -20.03 -11.32 4.15
C LYS A 129 -20.58 -12.64 3.62
N SER A 130 -21.55 -13.20 4.35
CA SER A 130 -22.11 -14.50 4.03
C SER A 130 -23.34 -14.35 3.14
N ILE A 131 -23.56 -15.36 2.29
CA ILE A 131 -24.63 -15.34 1.30
C ILE A 131 -25.48 -16.60 1.49
N GLN A 132 -26.80 -16.43 1.51
CA GLN A 132 -27.78 -17.48 1.68
C GLN A 132 -28.88 -17.30 0.63
N PRO A 133 -29.50 -18.39 0.16
CA PRO A 133 -30.62 -18.27 -0.79
C PRO A 133 -31.70 -17.28 -0.37
N GLU A 134 -31.74 -16.91 0.90
CA GLU A 134 -32.63 -15.83 1.34
C GLU A 134 -32.12 -14.45 0.93
N ASN A 135 -31.05 -14.37 0.13
CA ASN A 135 -30.48 -13.11 -0.31
C ASN A 135 -30.49 -12.91 -1.81
N LEU A 136 -30.80 -13.94 -2.60
CA LEU A 136 -30.68 -13.86 -4.05
C LEU A 136 -31.95 -13.28 -4.67
N GLU A 137 -31.77 -12.62 -5.82
CA GLU A 137 -32.89 -12.09 -6.58
C GLU A 137 -32.44 -11.87 -8.02
N TYR A 138 -33.05 -12.59 -8.96
CA TYR A 138 -32.72 -12.47 -10.37
C TYR A 138 -33.78 -11.65 -11.09
N ARG A 139 -33.34 -10.78 -12.00
CA ARG A 139 -34.22 -9.94 -12.79
C ARG A 139 -34.09 -10.33 -14.26
N ILE A 140 -35.19 -10.77 -14.86
CA ILE A 140 -35.22 -11.20 -16.25
C ILE A 140 -36.05 -10.23 -17.06
N MET A 141 -35.57 -9.92 -18.26
CA MET A 141 -36.26 -9.02 -19.19
C MET A 141 -36.97 -9.84 -20.26
N LEU A 142 -38.26 -9.56 -20.45
CA LEU A 142 -39.10 -10.28 -21.40
C LEU A 142 -39.59 -9.28 -22.45
N SER A 143 -39.07 -9.41 -23.68
CA SER A 143 -39.40 -8.50 -24.76
C SER A 143 -40.01 -9.26 -25.93
N VAL A 144 -40.73 -8.53 -26.78
CA VAL A 144 -41.39 -9.09 -27.94
C VAL A 144 -40.56 -8.80 -29.19
N HIS A 145 -40.29 -9.83 -29.96
CA HIS A 145 -39.44 -9.74 -31.15
C HIS A 145 -40.30 -9.33 -32.33
N GLY A 146 -40.21 -8.07 -32.74
CA GLY A 146 -40.97 -7.63 -33.91
C GLY A 146 -42.22 -6.82 -33.70
N SER A 147 -42.24 -5.88 -32.76
CA SER A 147 -43.38 -4.98 -32.59
C SER A 147 -43.19 -3.66 -33.34
N GLN A 148 -42.36 -3.66 -34.39
CA GLN A 148 -42.18 -2.60 -35.38
C GLN A 148 -41.41 -1.41 -34.82
N HIS A 149 -41.11 -1.47 -33.53
CA HIS A 149 -40.24 -0.47 -32.92
C HIS A 149 -39.17 -1.08 -32.02
N SER A 150 -39.23 -2.39 -31.76
CA SER A 150 -38.11 -3.07 -31.12
C SER A 150 -36.85 -2.98 -31.96
N GLY A 151 -36.97 -2.66 -33.25
CA GLY A 151 -35.85 -2.30 -34.08
C GLY A 151 -35.21 -0.97 -33.74
N MET A 152 -35.73 -0.26 -32.74
CA MET A 152 -35.08 0.93 -32.21
C MET A 152 -34.96 0.87 -30.69
N ILE A 153 -35.10 -0.32 -30.11
CA ILE A 153 -34.88 -0.55 -28.69
C ILE A 153 -33.50 -1.18 -28.53
N VAL A 154 -32.69 -0.64 -27.63
CA VAL A 154 -31.30 -1.07 -27.51
C VAL A 154 -30.96 -1.42 -26.06
N ASN A 155 -31.83 -1.04 -25.12
CA ASN A 155 -31.56 -1.27 -23.71
C ASN A 155 -32.88 -1.38 -22.96
N ASP A 156 -32.81 -1.37 -21.64
CA ASP A 156 -33.97 -1.52 -20.77
C ASP A 156 -34.69 -0.22 -20.48
N THR A 157 -34.07 0.92 -20.76
CA THR A 157 -34.65 2.21 -20.39
C THR A 157 -35.99 2.41 -21.08
N GLY A 158 -37.00 2.79 -20.31
CA GLY A 158 -38.34 2.99 -20.81
C GLY A 158 -39.20 1.75 -20.88
N HIS A 159 -38.76 0.63 -20.28
CA HIS A 159 -39.55 -0.59 -20.34
C HIS A 159 -40.83 -0.51 -19.53
N GLU A 160 -40.93 0.44 -18.60
CA GLU A 160 -42.12 0.56 -17.76
C GLU A 160 -43.34 0.91 -18.59
N THR A 161 -43.23 1.97 -19.41
CA THR A 161 -44.34 2.43 -20.23
C THR A 161 -44.53 1.63 -21.51
N ASP A 162 -43.63 0.69 -21.79
CA ASP A 162 -43.71 -0.14 -22.99
C ASP A 162 -44.41 -1.45 -22.63
N GLU A 163 -45.60 -1.67 -23.21
CA GLU A 163 -46.38 -2.87 -22.88
C GLU A 163 -45.80 -4.13 -23.51
N ASN A 164 -45.00 -3.99 -24.57
CA ASN A 164 -44.39 -5.15 -25.21
C ASN A 164 -43.12 -5.62 -24.51
N ARG A 165 -42.73 -4.96 -23.42
CA ARG A 165 -41.56 -5.36 -22.64
C ARG A 165 -41.98 -5.45 -21.18
N ALA A 166 -41.77 -6.63 -20.58
CA ALA A 166 -42.15 -6.88 -19.20
C ALA A 166 -40.93 -7.27 -18.39
N LYS A 167 -40.95 -6.87 -17.11
CA LYS A 167 -39.84 -7.12 -16.20
C LYS A 167 -40.33 -7.93 -15.02
N VAL A 168 -39.67 -9.07 -14.78
CA VAL A 168 -40.02 -9.97 -13.68
C VAL A 168 -38.81 -10.15 -12.78
N GLU A 169 -39.07 -10.65 -11.58
CA GLU A 169 -38.01 -10.90 -10.60
C GLU A 169 -38.26 -12.25 -9.94
N ILE A 170 -37.15 -12.92 -9.59
CA ILE A 170 -37.20 -14.28 -9.07
C ILE A 170 -36.32 -14.36 -7.82
N THR A 171 -36.83 -15.00 -6.78
CA THR A 171 -36.09 -15.34 -5.58
C THR A 171 -36.13 -16.85 -5.38
N PRO A 172 -35.17 -17.42 -4.66
CA PRO A 172 -35.21 -18.87 -4.41
C PRO A 172 -36.45 -19.33 -3.67
N ASN A 173 -37.02 -18.49 -2.80
CA ASN A 173 -38.26 -18.84 -2.13
C ASN A 173 -39.49 -18.55 -2.96
N SER A 174 -39.38 -17.77 -4.03
CA SER A 174 -40.49 -17.50 -4.95
C SER A 174 -39.98 -17.63 -6.37
N PRO A 175 -39.81 -18.86 -6.85
CA PRO A 175 -39.17 -19.08 -8.15
C PRO A 175 -40.07 -18.93 -9.37
N ARG A 176 -41.27 -18.37 -9.21
CA ARG A 176 -42.19 -18.22 -10.33
C ARG A 176 -42.55 -16.76 -10.55
N ALA A 177 -42.89 -16.44 -11.78
CA ALA A 177 -43.27 -15.08 -12.16
C ALA A 177 -44.12 -15.13 -13.41
N GLU A 178 -45.04 -14.17 -13.53
CA GLU A 178 -45.91 -14.06 -14.69
C GLU A 178 -46.09 -12.59 -15.02
N ALA A 179 -46.14 -12.28 -16.32
CA ALA A 179 -46.24 -10.89 -16.75
C ALA A 179 -46.94 -10.84 -18.12
N THR A 180 -47.55 -9.71 -18.40
CA THR A 180 -48.25 -9.50 -19.66
C THR A 180 -47.34 -8.81 -20.67
N LEU A 181 -47.51 -9.18 -21.94
CA LEU A 181 -46.71 -8.63 -23.03
C LEU A 181 -47.58 -7.84 -23.99
N GLY A 182 -48.54 -7.08 -23.46
CA GLY A 182 -49.42 -6.31 -24.31
C GLY A 182 -50.29 -7.22 -25.17
N GLY A 183 -50.46 -6.83 -26.43
CA GLY A 183 -51.32 -7.56 -27.35
C GLY A 183 -50.71 -8.87 -27.85
N PHE A 184 -49.69 -9.36 -27.16
CA PHE A 184 -49.03 -10.61 -27.51
C PHE A 184 -49.23 -11.67 -26.43
N GLY A 185 -50.25 -11.53 -25.60
CA GLY A 185 -50.54 -12.51 -24.57
C GLY A 185 -49.75 -12.30 -23.29
N SER A 186 -49.27 -13.39 -22.70
CA SER A 186 -48.52 -13.34 -21.46
C SER A 186 -47.55 -14.50 -21.42
N LEU A 187 -46.58 -14.42 -20.51
CA LEU A 187 -45.53 -15.42 -20.41
C LEU A 187 -45.40 -15.89 -18.96
N GLY A 188 -45.17 -17.19 -18.81
CA GLY A 188 -44.88 -17.77 -17.51
C GLY A 188 -43.41 -18.10 -17.38
N LEU A 189 -42.95 -18.18 -16.12
CA LEU A 189 -41.53 -18.40 -15.85
C LEU A 189 -41.40 -19.18 -14.55
N ASP A 190 -41.13 -20.48 -14.67
CA ASP A 190 -40.80 -21.33 -13.53
C ASP A 190 -39.30 -21.64 -13.60
N CYS A 191 -38.56 -21.19 -12.60
CA CYS A 191 -37.11 -21.25 -12.60
C CYS A 191 -36.61 -22.11 -11.46
N GLU A 192 -35.48 -22.80 -11.71
CA GLU A 192 -34.78 -23.51 -10.66
C GLU A 192 -33.67 -22.62 -10.13
N PRO A 193 -33.74 -22.16 -8.88
CA PRO A 193 -32.65 -21.36 -8.32
C PRO A 193 -31.51 -22.18 -7.72
N ARG A 194 -31.72 -23.48 -7.52
CA ARG A 194 -30.62 -24.33 -7.04
C ARG A 194 -29.56 -24.50 -8.10
N THR A 195 -29.97 -24.68 -9.36
CA THR A 195 -29.02 -24.82 -10.46
C THR A 195 -28.31 -23.52 -10.81
N GLY A 196 -28.68 -22.41 -10.18
CA GLY A 196 -28.00 -21.14 -10.39
C GLY A 196 -26.52 -21.24 -10.10
N LEU A 197 -26.18 -21.50 -8.84
CA LEU A 197 -24.80 -21.72 -8.42
C LEU A 197 -24.83 -22.24 -6.99
N ASP A 198 -23.66 -22.53 -6.46
CA ASP A 198 -23.51 -23.09 -5.11
C ASP A 198 -23.06 -21.96 -4.19
N PHE A 199 -24.03 -21.29 -3.57
CA PHE A 199 -23.77 -20.11 -2.76
C PHE A 199 -23.79 -20.41 -1.27
N SER A 200 -23.59 -21.68 -0.89
CA SER A 200 -23.33 -22.05 0.50
C SER A 200 -21.86 -22.27 0.77
N ASP A 201 -21.02 -22.33 -0.27
CA ASP A 201 -19.60 -22.57 -0.14
C ASP A 201 -18.76 -21.30 -0.35
N LEU A 202 -19.41 -20.15 -0.52
CA LEU A 202 -18.71 -18.93 -0.92
C LEU A 202 -19.05 -17.78 0.02
N TYR A 203 -18.12 -16.83 0.12
CA TYR A 203 -18.32 -15.58 0.82
C TYR A 203 -18.30 -14.43 -0.18
N TYR A 204 -18.98 -13.34 0.18
CA TYR A 204 -18.93 -12.10 -0.56
C TYR A 204 -17.92 -11.18 0.12
N LEU A 205 -16.87 -10.80 -0.61
CA LEU A 205 -15.73 -10.10 -0.04
C LEU A 205 -15.65 -8.70 -0.63
N THR A 206 -15.42 -7.70 0.23
CA THR A 206 -15.27 -6.31 -0.18
C THR A 206 -13.91 -5.81 0.27
N MET A 207 -13.19 -5.15 -0.65
CA MET A 207 -11.89 -4.57 -0.30
C MET A 207 -11.67 -3.32 -1.15
N ASN A 208 -11.93 -2.16 -0.57
CA ASN A 208 -11.54 -0.87 -1.16
C ASN A 208 -12.11 -0.69 -2.56
N ASN A 209 -13.44 -0.69 -2.63
CA ASN A 209 -14.24 -0.51 -3.85
C ASN A 209 -14.11 -1.65 -4.84
N LYS A 210 -13.37 -2.71 -4.52
CA LYS A 210 -13.28 -3.90 -5.34
C LYS A 210 -13.85 -5.09 -4.57
N HIS A 211 -14.58 -5.95 -5.26
CA HIS A 211 -15.39 -6.98 -4.61
C HIS A 211 -15.36 -8.27 -5.42
N TRP A 212 -15.29 -9.39 -4.72
CA TRP A 212 -15.21 -10.71 -5.34
C TRP A 212 -16.12 -11.69 -4.63
N LEU A 213 -16.27 -12.86 -5.25
CA LEU A 213 -16.85 -14.04 -4.62
C LEU A 213 -15.74 -15.06 -4.39
N VAL A 214 -15.47 -15.38 -3.14
CA VAL A 214 -14.33 -16.22 -2.79
C VAL A 214 -14.81 -17.44 -2.02
N HIS A 215 -13.97 -18.48 -2.03
CA HIS A 215 -14.29 -19.71 -1.32
C HIS A 215 -14.32 -19.48 0.18
N LYS A 216 -15.14 -20.28 0.87
CA LYS A 216 -15.24 -20.16 2.32
C LYS A 216 -13.93 -20.56 3.01
N GLU A 217 -13.30 -21.63 2.55
CA GLU A 217 -12.10 -22.12 3.20
C GLU A 217 -10.89 -21.25 2.86
N TRP A 218 -10.81 -20.74 1.64
CA TRP A 218 -9.75 -19.80 1.30
C TRP A 218 -9.83 -18.55 2.16
N PHE A 219 -11.04 -18.16 2.56
CA PHE A 219 -11.20 -16.94 3.35
C PHE A 219 -10.81 -17.13 4.81
N HIS A 220 -11.00 -18.33 5.36
CA HIS A 220 -10.64 -18.58 6.74
C HIS A 220 -9.12 -18.63 6.92
N ASP A 221 -8.41 -19.21 5.95
CA ASP A 221 -6.97 -19.45 6.06
C ASP A 221 -6.14 -18.24 5.65
N ILE A 222 -6.73 -17.05 5.58
CA ILE A 222 -5.98 -15.84 5.27
C ILE A 222 -5.17 -15.45 6.51
N PRO A 223 -3.84 -15.32 6.41
CA PRO A 223 -3.01 -14.95 7.57
C PRO A 223 -2.93 -13.45 7.81
N LEU A 224 -4.00 -12.89 8.37
CA LEU A 224 -4.08 -11.46 8.62
C LEU A 224 -4.87 -11.26 9.91
N PRO A 225 -4.71 -10.11 10.57
CA PRO A 225 -5.54 -9.84 11.75
C PRO A 225 -7.02 -9.81 11.39
N TRP A 226 -7.86 -10.14 12.37
CA TRP A 226 -9.28 -10.32 12.07
C TRP A 226 -10.11 -10.17 13.34
N HIS A 227 -11.35 -9.73 13.16
CA HIS A 227 -12.38 -9.77 14.18
C HIS A 227 -13.61 -10.47 13.59
N ALA A 228 -14.61 -10.70 14.42
CA ALA A 228 -15.82 -11.38 14.00
C ALA A 228 -16.96 -10.38 13.87
N GLY A 229 -17.61 -10.36 12.72
CA GLY A 229 -18.70 -9.44 12.47
C GLY A 229 -18.23 -8.02 12.23
N ALA A 230 -18.62 -7.10 13.11
CA ALA A 230 -18.21 -5.72 13.06
C ALA A 230 -18.58 -5.07 14.39
N ASP A 231 -18.00 -3.89 14.64
CA ASP A 231 -18.27 -3.18 15.88
C ASP A 231 -17.98 -1.70 15.68
N THR A 232 -18.78 -0.88 16.34
CA THR A 232 -18.57 0.57 16.34
C THR A 232 -17.42 0.93 17.29
N GLY A 233 -16.93 2.15 17.15
CA GLY A 233 -15.75 2.56 17.91
C GLY A 233 -14.52 1.81 17.46
N THR A 234 -14.02 0.91 18.32
CA THR A 234 -12.84 0.11 18.00
C THR A 234 -13.14 -1.34 18.38
N PRO A 235 -13.09 -2.28 17.43
CA PRO A 235 -13.30 -3.68 17.77
C PRO A 235 -12.02 -4.35 18.24
N HIS A 236 -12.09 -5.64 18.55
CA HIS A 236 -10.95 -6.40 19.05
C HIS A 236 -10.33 -7.19 17.90
N TRP A 237 -9.09 -6.84 17.55
CA TRP A 237 -8.36 -7.56 16.52
C TRP A 237 -7.67 -8.78 17.10
N ASN A 238 -7.76 -9.90 16.37
CA ASN A 238 -7.09 -11.13 16.76
C ASN A 238 -5.92 -11.41 15.82
N ASN A 239 -4.88 -12.02 16.38
CA ASN A 239 -3.65 -12.33 15.65
C ASN A 239 -3.06 -11.07 15.00
N LYS A 240 -2.73 -10.11 15.86
CA LYS A 240 -2.14 -8.85 15.40
C LYS A 240 -0.74 -9.00 14.86
N GLU A 241 -0.08 -10.13 15.11
CA GLU A 241 1.30 -10.33 14.70
C GLU A 241 1.46 -10.61 13.21
N ALA A 242 0.35 -10.78 12.48
CA ALA A 242 0.46 -11.05 11.04
C ALA A 242 1.01 -9.85 10.28
N LEU A 243 0.85 -8.64 10.82
CA LEU A 243 1.38 -7.44 10.20
C LEU A 243 2.48 -6.78 11.01
N VAL A 244 2.63 -7.14 12.29
CA VAL A 244 3.60 -6.51 13.19
C VAL A 244 4.68 -7.54 13.50
N GLU A 245 5.93 -7.17 13.25
CA GLU A 245 7.08 -8.02 13.56
C GLU A 245 8.01 -7.30 14.52
N PHE A 246 8.69 -8.08 15.36
CA PHE A 246 9.63 -7.57 16.35
C PHE A 246 11.05 -7.93 15.91
N LYS A 247 11.85 -6.92 15.61
CA LYS A 247 13.19 -7.08 15.08
C LYS A 247 14.19 -7.23 16.23
N ASP A 248 15.48 -7.19 15.91
CA ASP A 248 16.55 -7.44 16.87
C ASP A 248 16.40 -6.56 18.11
N ALA A 249 16.49 -7.19 19.27
CA ALA A 249 16.29 -6.53 20.55
C ALA A 249 17.63 -6.27 21.23
N HIS A 250 17.87 -5.01 21.60
CA HIS A 250 19.04 -4.63 22.36
C HIS A 250 18.82 -4.97 23.83
N ALA A 251 19.73 -4.51 24.70
CA ALA A 251 19.65 -4.86 26.11
C ALA A 251 18.43 -4.28 26.80
N LYS A 252 17.88 -3.16 26.29
CA LYS A 252 16.70 -2.57 26.92
C LYS A 252 15.65 -2.12 25.91
N ARG A 253 15.73 -2.55 24.65
CA ARG A 253 14.78 -2.09 23.65
C ARG A 253 14.51 -3.21 22.65
N GLN A 254 13.51 -3.00 21.81
CA GLN A 254 13.14 -3.94 20.75
C GLN A 254 12.42 -3.16 19.66
N THR A 255 12.93 -3.26 18.44
CA THR A 255 12.41 -2.48 17.31
C THR A 255 11.13 -3.11 16.78
N VAL A 256 10.05 -2.33 16.77
CA VAL A 256 8.77 -2.73 16.23
C VAL A 256 8.58 -2.10 14.86
N VAL A 257 8.23 -2.91 13.87
CA VAL A 257 8.06 -2.44 12.50
C VAL A 257 6.96 -3.27 11.84
N VAL A 258 6.14 -2.62 11.01
CA VAL A 258 5.01 -3.25 10.35
C VAL A 258 5.39 -3.63 8.93
N LEU A 259 4.72 -4.66 8.41
CA LEU A 259 4.95 -5.08 7.04
C LEU A 259 4.29 -4.12 6.06
N GLY A 260 4.62 -4.29 4.78
CA GLY A 260 4.00 -3.50 3.74
C GLY A 260 2.54 -3.85 3.55
N SER A 261 1.86 -3.02 2.77
CA SER A 261 0.44 -3.24 2.49
C SER A 261 0.24 -4.54 1.74
N GLN A 262 -0.75 -5.32 2.17
CA GLN A 262 -1.04 -6.63 1.58
C GLN A 262 -2.15 -6.57 0.55
N GLU A 263 -2.53 -5.37 0.09
CA GLU A 263 -3.61 -5.25 -0.88
C GLU A 263 -3.24 -5.93 -2.19
N GLY A 264 -2.06 -5.61 -2.73
CA GLY A 264 -1.63 -6.25 -3.96
C GLY A 264 -1.44 -7.75 -3.82
N ALA A 265 -1.05 -8.20 -2.63
CA ALA A 265 -0.93 -9.64 -2.40
C ALA A 265 -2.29 -10.33 -2.44
N VAL A 266 -3.35 -9.64 -2.01
CA VAL A 266 -4.68 -10.22 -2.07
C VAL A 266 -5.21 -10.20 -3.52
N HIS A 267 -4.93 -9.13 -4.25
CA HIS A 267 -5.33 -9.05 -5.65
C HIS A 267 -4.77 -10.22 -6.45
N THR A 268 -3.49 -10.56 -6.23
CA THR A 268 -2.89 -11.66 -6.97
C THR A 268 -3.54 -13.00 -6.62
N ALA A 269 -4.02 -13.15 -5.38
CA ALA A 269 -4.71 -14.38 -4.99
C ALA A 269 -6.14 -14.45 -5.53
N LEU A 270 -6.71 -13.31 -5.92
CA LEU A 270 -8.08 -13.25 -6.42
C LEU A 270 -8.14 -13.14 -7.94
N ALA A 271 -7.19 -13.77 -8.63
CA ALA A 271 -7.19 -13.73 -10.09
C ALA A 271 -8.34 -14.56 -10.65
N GLY A 272 -8.45 -15.82 -10.20
CA GLY A 272 -9.48 -16.71 -10.69
C GLY A 272 -10.84 -16.54 -10.08
N ALA A 273 -11.02 -15.62 -9.14
CA ALA A 273 -12.32 -15.44 -8.51
C ALA A 273 -13.21 -14.55 -9.37
N LEU A 274 -14.52 -14.64 -9.11
CA LEU A 274 -15.49 -13.84 -9.83
C LEU A 274 -15.61 -12.45 -9.21
N GLU A 275 -15.53 -11.42 -10.05
CA GLU A 275 -15.65 -10.05 -9.59
C GLU A 275 -17.12 -9.63 -9.55
N ALA A 276 -17.46 -8.83 -8.53
CA ALA A 276 -18.83 -8.40 -8.32
C ALA A 276 -18.88 -6.89 -8.11
N GLU A 277 -20.06 -6.33 -8.33
CA GLU A 277 -20.32 -4.92 -8.09
C GLU A 277 -20.74 -4.69 -6.64
N MET A 278 -20.77 -3.42 -6.24
CA MET A 278 -21.28 -3.01 -4.95
C MET A 278 -22.22 -1.83 -5.14
N ASP A 279 -23.45 -1.96 -4.66
CA ASP A 279 -24.43 -0.87 -4.68
C ASP A 279 -24.94 -0.70 -3.25
N GLY A 280 -24.24 0.14 -2.48
CA GLY A 280 -24.59 0.32 -1.09
C GLY A 280 -24.43 -0.96 -0.31
N ALA A 281 -25.45 -1.32 0.46
CA ALA A 281 -25.46 -2.58 1.20
C ALA A 281 -25.81 -3.77 0.32
N LYS A 282 -26.21 -3.54 -0.92
CA LYS A 282 -26.52 -4.62 -1.85
C LYS A 282 -25.28 -5.00 -2.65
N GLY A 283 -25.22 -6.27 -3.05
CA GLY A 283 -24.18 -6.76 -3.94
C GLY A 283 -24.78 -7.14 -5.28
N ARG A 284 -24.08 -6.80 -6.35
CA ARG A 284 -24.56 -7.01 -7.70
C ARG A 284 -23.61 -7.94 -8.44
N LEU A 285 -24.17 -8.89 -9.20
CA LEU A 285 -23.40 -9.90 -9.89
C LEU A 285 -23.58 -9.76 -11.39
N SER A 286 -22.55 -10.20 -12.14
CA SER A 286 -22.59 -10.22 -13.59
C SER A 286 -22.11 -11.55 -14.15
N SER A 287 -22.14 -12.61 -13.34
CA SER A 287 -21.70 -13.94 -13.77
C SER A 287 -22.56 -14.97 -13.04
N GLY A 288 -23.53 -15.53 -13.74
CA GLY A 288 -24.44 -16.47 -13.13
C GLY A 288 -24.93 -17.57 -14.04
N HIS A 289 -26.07 -18.15 -13.71
CA HIS A 289 -26.66 -19.28 -14.44
C HIS A 289 -28.09 -19.45 -13.97
N LEU A 290 -28.96 -19.88 -14.89
CA LEU A 290 -30.37 -20.04 -14.56
C LEU A 290 -31.02 -20.99 -15.56
N LYS A 291 -31.53 -22.11 -15.07
CA LYS A 291 -32.39 -22.99 -15.85
C LYS A 291 -33.84 -22.71 -15.51
N CYS A 292 -34.66 -22.44 -16.52
CA CYS A 292 -36.05 -22.06 -16.31
C CYS A 292 -36.94 -22.80 -17.31
N ARG A 293 -38.23 -22.77 -17.02
CA ARG A 293 -39.25 -23.36 -17.89
C ARG A 293 -40.26 -22.28 -18.26
N LEU A 294 -40.59 -22.20 -19.54
CA LEU A 294 -41.44 -21.13 -20.07
C LEU A 294 -42.83 -21.69 -20.37
N LYS A 295 -43.85 -21.06 -19.80
CA LYS A 295 -45.25 -21.39 -20.11
C LYS A 295 -45.71 -20.46 -21.22
N MET A 296 -45.78 -20.99 -22.44
CA MET A 296 -46.03 -20.20 -23.63
C MET A 296 -47.43 -20.38 -24.20
N ASP A 297 -48.27 -21.21 -23.58
CA ASP A 297 -49.60 -21.44 -24.13
C ASP A 297 -50.47 -20.19 -24.06
N LYS A 298 -50.18 -19.28 -23.13
CA LYS A 298 -50.90 -18.03 -23.05
C LYS A 298 -50.33 -16.96 -23.97
N LEU A 299 -49.27 -17.25 -24.71
CA LEU A 299 -48.78 -16.33 -25.71
C LEU A 299 -49.73 -16.33 -26.90
N ARG A 300 -49.94 -15.16 -27.49
CA ARG A 300 -50.89 -15.02 -28.59
C ARG A 300 -50.32 -14.07 -29.64
N LEU A 301 -50.83 -14.22 -30.86
CA LEU A 301 -50.50 -13.31 -31.95
C LEU A 301 -51.29 -12.02 -31.80
N LYS A 302 -50.62 -10.89 -32.07
CA LYS A 302 -51.38 -9.67 -32.26
C LYS A 302 -52.26 -9.82 -33.50
N GLY A 303 -53.15 -8.85 -33.69
CA GLY A 303 -54.36 -9.07 -34.48
C GLY A 303 -54.17 -9.79 -35.79
N VAL A 304 -54.77 -10.97 -35.89
CA VAL A 304 -54.72 -11.77 -37.11
C VAL A 304 -55.86 -11.43 -38.07
N SER A 305 -56.90 -10.76 -37.58
CA SER A 305 -58.01 -10.30 -38.41
C SER A 305 -57.62 -9.13 -39.29
N TYR A 306 -56.38 -8.65 -39.21
CA TYR A 306 -55.94 -7.54 -40.03
C TYR A 306 -55.84 -7.97 -41.50
N SER A 307 -55.80 -6.97 -42.37
CA SER A 307 -55.58 -7.21 -43.79
C SER A 307 -54.09 -7.11 -44.12
N LEU A 308 -53.71 -7.70 -45.24
CA LEU A 308 -52.33 -7.62 -45.70
C LEU A 308 -52.01 -6.20 -46.15
N CYS A 309 -50.82 -5.72 -45.81
CA CYS A 309 -50.39 -4.39 -46.22
C CYS A 309 -50.30 -4.33 -47.74
N THR A 310 -51.18 -3.54 -48.35
CA THR A 310 -51.28 -3.48 -49.81
C THR A 310 -50.36 -2.45 -50.43
N ALA A 311 -49.92 -1.46 -49.68
CA ALA A 311 -49.05 -0.43 -50.22
C ALA A 311 -47.64 -0.98 -50.45
N ALA A 312 -46.76 -0.11 -50.93
CA ALA A 312 -45.42 -0.50 -51.38
C ALA A 312 -44.39 -0.23 -50.29
N PHE A 313 -43.54 -1.22 -50.05
CA PHE A 313 -42.41 -1.06 -49.14
C PHE A 313 -41.17 -0.59 -49.91
N THR A 314 -40.25 0.03 -49.18
CA THR A 314 -38.96 0.41 -49.72
C THR A 314 -37.89 0.13 -48.68
N PHE A 315 -36.78 -0.43 -49.11
CA PHE A 315 -35.65 -0.69 -48.21
C PHE A 315 -35.07 0.63 -47.70
N THR A 316 -34.82 0.69 -46.39
CA THR A 316 -34.16 1.84 -45.79
C THR A 316 -32.66 1.60 -45.57
N LYS A 317 -32.29 0.41 -45.11
CA LYS A 317 -30.90 0.00 -45.02
C LYS A 317 -30.62 -1.10 -46.03
N ILE A 318 -29.34 -1.46 -46.13
CA ILE A 318 -28.91 -2.59 -46.95
C ILE A 318 -28.91 -3.82 -46.06
N PRO A 319 -29.54 -4.92 -46.47
CA PRO A 319 -29.65 -6.09 -45.59
C PRO A 319 -28.29 -6.58 -45.13
N ALA A 320 -28.16 -6.75 -43.81
CA ALA A 320 -26.92 -7.19 -43.19
C ALA A 320 -27.13 -8.50 -42.44
N GLU A 321 -26.08 -9.33 -42.42
CA GLU A 321 -26.14 -10.62 -41.75
C GLU A 321 -25.72 -10.47 -40.29
N THR A 322 -26.43 -11.15 -39.40
CA THR A 322 -26.10 -11.14 -38.00
C THR A 322 -24.99 -12.15 -37.70
N LEU A 323 -24.53 -12.15 -36.45
CA LEU A 323 -23.51 -13.09 -36.02
C LEU A 323 -24.00 -14.53 -36.00
N HIS A 324 -25.30 -14.77 -36.14
CA HIS A 324 -25.87 -16.11 -36.10
C HIS A 324 -26.46 -16.55 -37.44
N GLY A 325 -26.09 -15.86 -38.52
CA GLY A 325 -26.55 -16.21 -39.85
C GLY A 325 -27.87 -15.60 -40.25
N THR A 326 -28.61 -15.00 -39.33
CA THR A 326 -29.88 -14.37 -39.66
C THR A 326 -29.66 -13.02 -40.30
N VAL A 327 -30.64 -12.60 -41.09
CA VAL A 327 -30.59 -11.35 -41.84
C VAL A 327 -31.55 -10.35 -41.23
N THR A 328 -31.08 -9.15 -40.93
CA THR A 328 -31.92 -8.05 -40.51
C THR A 328 -32.22 -7.17 -41.71
N VAL A 329 -33.49 -6.84 -41.90
CA VAL A 329 -33.92 -5.94 -42.97
C VAL A 329 -34.81 -4.86 -42.36
N GLU A 330 -34.52 -3.61 -42.69
CA GLU A 330 -35.34 -2.48 -42.28
C GLU A 330 -36.06 -1.94 -43.51
N VAL A 331 -37.37 -1.73 -43.38
CA VAL A 331 -38.20 -1.31 -44.50
C VAL A 331 -38.99 -0.07 -44.11
N GLN A 332 -39.44 0.66 -45.12
CA GLN A 332 -40.31 1.81 -44.94
C GLN A 332 -41.62 1.53 -45.69
N TYR A 333 -42.75 1.79 -45.02
CA TYR A 333 -44.06 1.51 -45.57
C TYR A 333 -44.79 2.82 -45.81
N ALA A 334 -45.13 3.08 -47.07
CA ALA A 334 -45.74 4.34 -47.48
C ALA A 334 -47.24 4.37 -47.30
N GLY A 335 -47.86 3.27 -46.86
CA GLY A 335 -49.29 3.21 -46.78
C GLY A 335 -49.85 3.83 -45.51
N THR A 336 -51.07 4.36 -45.62
CA THR A 336 -51.80 4.93 -44.50
C THR A 336 -52.97 4.05 -44.09
N ASP A 337 -52.99 2.79 -44.51
CA ASP A 337 -54.13 1.91 -44.28
C ASP A 337 -54.00 1.20 -42.93
N GLY A 338 -54.18 1.98 -41.88
CA GLY A 338 -54.25 1.50 -40.52
C GLY A 338 -53.14 0.55 -40.12
N PRO A 339 -53.44 -0.34 -39.17
CA PRO A 339 -52.54 -1.48 -38.92
C PRO A 339 -52.81 -2.60 -39.90
N CYS A 340 -51.73 -3.25 -40.35
CA CYS A 340 -51.86 -4.31 -41.34
C CYS A 340 -50.76 -5.34 -41.14
N LYS A 341 -51.04 -6.57 -41.54
CA LYS A 341 -50.07 -7.64 -41.46
C LYS A 341 -49.03 -7.48 -42.57
N VAL A 342 -47.75 -7.47 -42.17
CA VAL A 342 -46.66 -7.25 -43.11
C VAL A 342 -46.43 -8.54 -43.90
N PRO A 343 -46.57 -8.53 -45.22
CA PRO A 343 -46.24 -9.73 -46.00
C PRO A 343 -44.74 -9.82 -46.21
N ALA A 344 -44.12 -10.80 -45.56
CA ALA A 344 -42.68 -10.98 -45.62
C ALA A 344 -42.37 -12.47 -45.59
N GLN A 345 -41.56 -12.93 -46.54
CA GLN A 345 -41.16 -14.33 -46.58
C GLN A 345 -39.88 -14.43 -47.40
N MET A 346 -39.35 -15.65 -47.48
CA MET A 346 -38.23 -15.97 -48.36
C MET A 346 -38.68 -17.06 -49.31
N ALA A 347 -38.47 -16.85 -50.61
CA ALA A 347 -38.93 -17.76 -51.64
C ALA A 347 -37.76 -18.09 -52.56
N VAL A 348 -37.45 -19.38 -52.69
CA VAL A 348 -36.39 -19.80 -53.61
C VAL A 348 -36.91 -19.86 -55.04
N ASP A 349 -38.21 -20.06 -55.23
CA ASP A 349 -38.85 -20.04 -56.54
C ASP A 349 -39.65 -18.75 -56.64
N MET A 350 -39.14 -17.79 -57.41
CA MET A 350 -39.74 -16.46 -57.49
C MET A 350 -41.10 -16.46 -58.19
N GLN A 351 -41.50 -17.57 -58.81
CA GLN A 351 -42.76 -17.59 -59.53
C GLN A 351 -43.92 -18.08 -58.68
N THR A 352 -43.70 -19.06 -57.80
CA THR A 352 -44.74 -19.57 -56.92
C THR A 352 -44.71 -18.95 -55.53
N LEU A 353 -43.58 -18.38 -55.12
CA LEU A 353 -43.45 -17.74 -53.80
C LEU A 353 -43.72 -18.73 -52.67
N THR A 354 -43.30 -19.97 -52.84
CA THR A 354 -43.41 -20.95 -51.76
C THR A 354 -42.40 -20.61 -50.67
N PRO A 355 -42.82 -20.53 -49.41
CA PRO A 355 -41.91 -20.07 -48.36
C PRO A 355 -40.80 -21.08 -48.08
N VAL A 356 -39.58 -20.58 -47.96
CA VAL A 356 -38.44 -21.36 -47.50
C VAL A 356 -37.82 -20.61 -46.32
N GLY A 357 -37.28 -21.38 -45.37
CA GLY A 357 -36.80 -20.75 -44.17
C GLY A 357 -37.96 -20.25 -43.31
N ARG A 358 -37.63 -19.36 -42.38
CA ARG A 358 -38.62 -18.81 -41.48
C ARG A 358 -38.27 -17.37 -41.14
N LEU A 359 -39.24 -16.64 -40.58
CA LEU A 359 -39.00 -15.33 -40.04
C LEU A 359 -38.69 -15.43 -38.55
N ILE A 360 -37.69 -14.68 -38.10
CA ILE A 360 -37.43 -14.62 -36.66
C ILE A 360 -38.43 -13.71 -35.98
N THR A 361 -38.82 -12.62 -36.64
CA THR A 361 -39.90 -11.74 -36.18
C THR A 361 -41.20 -12.29 -36.76
N ALA A 362 -41.80 -13.23 -36.05
CA ALA A 362 -42.95 -13.97 -36.58
C ALA A 362 -44.17 -13.06 -36.70
N ASN A 363 -44.83 -13.13 -37.86
CA ASN A 363 -46.01 -12.33 -38.19
C ASN A 363 -45.79 -10.85 -37.91
N PRO A 364 -44.93 -10.18 -38.68
CA PRO A 364 -44.74 -8.74 -38.46
C PRO A 364 -45.99 -7.96 -38.81
N VAL A 365 -46.28 -6.94 -38.00
CA VAL A 365 -47.50 -6.15 -38.14
C VAL A 365 -47.15 -4.68 -37.98
N ILE A 366 -47.29 -3.90 -39.06
CA ILE A 366 -47.25 -2.44 -38.96
C ILE A 366 -48.43 -2.00 -38.11
N THR A 367 -48.14 -1.35 -36.97
CA THR A 367 -49.18 -0.87 -36.07
C THR A 367 -49.49 0.62 -36.25
N GLU A 368 -48.70 1.33 -37.05
CA GLU A 368 -48.93 2.74 -37.30
C GLU A 368 -49.73 2.94 -38.57
N SER A 369 -50.57 3.98 -38.58
CA SER A 369 -51.43 4.29 -39.71
C SER A 369 -50.95 5.50 -40.49
N THR A 370 -49.75 6.00 -40.21
CA THR A 370 -49.18 7.14 -40.92
C THR A 370 -48.22 6.67 -42.00
N GLU A 371 -48.02 7.55 -43.00
CA GLU A 371 -47.12 7.26 -44.09
C GLU A 371 -45.68 7.16 -43.61
N ASN A 372 -44.89 6.36 -44.33
CA ASN A 372 -43.44 6.26 -44.14
C ASN A 372 -43.08 5.83 -42.72
N SER A 373 -43.62 4.67 -42.34
CA SER A 373 -43.29 4.04 -41.06
C SER A 373 -42.14 3.06 -41.26
N LYS A 374 -41.36 2.87 -40.20
CA LYS A 374 -40.17 2.02 -40.25
C LYS A 374 -40.38 0.78 -39.37
N MET A 375 -39.93 -0.37 -39.88
CA MET A 375 -39.96 -1.61 -39.13
C MET A 375 -38.76 -2.46 -39.53
N MET A 376 -38.08 -3.03 -38.54
CA MET A 376 -36.94 -3.91 -38.77
C MET A 376 -37.36 -5.36 -38.53
N LEU A 377 -36.96 -6.24 -39.45
CA LEU A 377 -37.30 -7.65 -39.38
C LEU A 377 -36.02 -8.48 -39.23
N GLU A 378 -36.21 -9.77 -38.96
CA GLU A 378 -35.12 -10.73 -38.91
C GLU A 378 -35.59 -12.05 -39.50
N LEU A 379 -34.77 -12.63 -40.38
CA LEU A 379 -35.13 -13.84 -41.10
C LEU A 379 -34.06 -14.90 -40.92
N ASP A 380 -34.49 -16.16 -40.77
CA ASP A 380 -33.58 -17.30 -40.72
C ASP A 380 -33.61 -18.02 -42.06
N PRO A 381 -32.70 -17.68 -42.98
CA PRO A 381 -32.82 -18.16 -44.36
C PRO A 381 -32.35 -19.60 -44.49
N PRO A 382 -32.68 -20.26 -45.59
CA PRO A 382 -32.06 -21.54 -45.92
C PRO A 382 -30.67 -21.32 -46.51
N PHE A 383 -29.83 -22.35 -46.36
CA PHE A 383 -28.48 -22.28 -46.88
C PHE A 383 -28.49 -22.19 -48.40
N GLY A 384 -27.54 -21.45 -48.95
CA GLY A 384 -27.49 -21.22 -50.38
C GLY A 384 -28.25 -19.98 -50.82
N ASP A 385 -28.75 -20.00 -52.04
CA ASP A 385 -29.41 -18.83 -52.63
C ASP A 385 -30.89 -18.82 -52.31
N SER A 386 -31.40 -17.63 -51.96
CA SER A 386 -32.82 -17.45 -51.68
C SER A 386 -33.14 -15.97 -51.83
N TYR A 387 -34.41 -15.69 -52.08
CA TYR A 387 -34.88 -14.33 -52.35
C TYR A 387 -35.67 -13.81 -51.16
N ILE A 388 -35.30 -12.61 -50.69
CA ILE A 388 -36.06 -11.92 -49.66
C ILE A 388 -37.22 -11.19 -50.35
N VAL A 389 -38.45 -11.63 -50.07
CA VAL A 389 -39.64 -11.08 -50.70
C VAL A 389 -40.46 -10.40 -49.62
N ILE A 390 -40.58 -9.08 -49.69
CA ILE A 390 -41.34 -8.28 -48.74
C ILE A 390 -42.38 -7.49 -49.52
N GLY A 391 -43.64 -7.70 -49.19
CA GLY A 391 -44.74 -7.04 -49.88
C GLY A 391 -45.44 -7.96 -50.86
N VAL A 392 -46.44 -7.39 -51.54
CA VAL A 392 -47.26 -8.13 -52.49
C VAL A 392 -47.45 -7.28 -53.75
N GLY A 393 -47.86 -7.95 -54.82
CA GLY A 393 -48.25 -7.24 -56.03
C GLY A 393 -47.08 -6.78 -56.88
N GLU A 394 -47.32 -5.70 -57.62
CA GLU A 394 -46.34 -5.20 -58.59
C GLU A 394 -45.09 -4.67 -57.88
N LYS A 395 -45.27 -3.75 -56.95
CA LYS A 395 -44.18 -3.01 -56.30
C LYS A 395 -43.50 -3.82 -55.20
N LYS A 396 -43.77 -5.12 -55.12
CA LYS A 396 -43.17 -5.99 -54.12
C LYS A 396 -41.65 -5.89 -54.16
N ILE A 397 -41.00 -6.24 -53.05
CA ILE A 397 -39.56 -6.05 -52.87
C ILE A 397 -38.86 -7.38 -53.04
N THR A 398 -37.76 -7.37 -53.78
CA THR A 398 -36.93 -8.55 -53.99
C THR A 398 -35.47 -8.20 -53.76
N HIS A 399 -34.78 -9.00 -52.95
CA HIS A 399 -33.36 -8.82 -52.69
C HIS A 399 -32.71 -10.19 -52.62
N HIS A 400 -31.78 -10.45 -53.54
CA HIS A 400 -31.10 -11.74 -53.57
C HIS A 400 -30.22 -11.89 -52.33
N TRP A 401 -30.07 -13.15 -51.88
CA TRP A 401 -29.32 -13.43 -50.67
C TRP A 401 -28.71 -14.81 -50.75
N HIS A 402 -27.49 -14.95 -50.21
CA HIS A 402 -26.80 -16.21 -50.11
C HIS A 402 -26.28 -16.40 -48.69
N ARG A 403 -26.44 -17.61 -48.16
CA ARG A 403 -26.01 -17.94 -46.81
C ARG A 403 -25.12 -19.18 -46.86
N SER A 404 -23.98 -19.11 -46.17
CA SER A 404 -23.05 -20.23 -46.12
C SER A 404 -23.58 -21.34 -45.23
N MET B 1 35.58 -5.55 27.46
CA MET B 1 35.60 -6.79 28.21
C MET B 1 34.19 -7.22 28.60
N ILE B 2 33.36 -6.24 28.97
CA ILE B 2 31.98 -6.54 29.36
C ILE B 2 31.21 -7.14 28.19
N ARG B 3 31.41 -6.61 26.99
CA ARG B 3 30.70 -7.13 25.81
C ARG B 3 31.05 -8.59 25.57
N CYS B 4 32.31 -8.96 25.74
CA CYS B 4 32.72 -10.35 25.53
C CYS B 4 32.08 -11.27 26.55
N ILE B 5 32.11 -10.89 27.83
CA ILE B 5 31.57 -11.75 28.87
C ILE B 5 30.06 -11.88 28.75
N GLY B 6 29.39 -10.87 28.20
CA GLY B 6 27.95 -10.94 28.02
C GLY B 6 27.50 -11.68 26.77
N VAL B 7 28.36 -11.77 25.76
CA VAL B 7 28.01 -12.47 24.53
C VAL B 7 27.85 -13.96 24.82
N SER B 8 26.75 -14.55 24.32
CA SER B 8 26.52 -15.97 24.50
C SER B 8 27.58 -16.80 23.77
N ASN B 9 27.69 -16.62 22.46
CA ASN B 9 28.63 -17.38 21.64
C ASN B 9 30.02 -16.80 21.82
N ARG B 10 30.72 -17.26 22.86
CA ARG B 10 32.08 -16.82 23.16
C ARG B 10 32.98 -18.05 23.24
N ASP B 11 34.05 -18.04 22.45
CA ASP B 11 34.95 -19.18 22.35
C ASP B 11 36.28 -18.85 23.03
N PHE B 12 36.78 -19.78 23.82
CA PHE B 12 38.04 -19.61 24.55
C PHE B 12 39.11 -20.41 23.82
N VAL B 13 40.01 -19.71 23.12
CA VAL B 13 41.10 -20.32 22.38
C VAL B 13 42.39 -20.12 23.16
N GLU B 14 43.19 -21.18 23.27
CA GLU B 14 44.46 -21.13 23.97
C GLU B 14 45.60 -21.41 23.00
N GLY B 15 46.74 -20.78 23.25
CA GLY B 15 47.90 -20.93 22.39
C GLY B 15 48.82 -22.05 22.83
N MET B 16 50.09 -21.72 23.08
CA MET B 16 51.08 -22.70 23.47
C MET B 16 51.84 -22.22 24.70
N SER B 17 52.89 -22.95 25.10
CA SER B 17 53.72 -22.49 26.20
C SER B 17 54.72 -21.44 25.75
N GLY B 18 55.23 -21.58 24.52
CA GLY B 18 56.07 -20.56 23.93
C GLY B 18 55.74 -20.35 22.46
N GLY B 19 54.51 -20.67 22.07
CA GLY B 19 54.13 -20.63 20.67
C GLY B 19 53.88 -19.23 20.15
N THR B 20 53.68 -19.15 18.84
CA THR B 20 53.57 -17.86 18.17
C THR B 20 52.29 -17.76 17.32
N TRP B 21 51.80 -18.88 16.80
CA TRP B 21 50.68 -18.88 15.86
C TRP B 21 49.50 -19.63 16.45
N VAL B 22 48.32 -18.99 16.39
CA VAL B 22 47.05 -19.64 16.71
C VAL B 22 46.04 -19.29 15.63
N ASP B 23 45.00 -20.11 15.52
CA ASP B 23 43.92 -19.90 14.56
C ASP B 23 42.60 -19.73 15.29
N VAL B 24 41.74 -18.85 14.78
CA VAL B 24 40.40 -18.63 15.31
C VAL B 24 39.43 -18.48 14.15
N VAL B 25 38.15 -18.50 14.49
CA VAL B 25 37.07 -18.18 13.56
C VAL B 25 36.20 -17.11 14.22
N LEU B 26 36.14 -15.94 13.60
CA LEU B 26 35.41 -14.80 14.16
C LEU B 26 34.01 -14.76 13.58
N GLU B 27 33.00 -14.79 14.45
CA GLU B 27 31.60 -14.73 14.05
C GLU B 27 31.00 -13.39 14.44
N HIS B 28 30.04 -12.94 13.65
CA HIS B 28 29.40 -11.66 13.88
C HIS B 28 28.59 -11.69 15.17
N GLY B 29 28.71 -10.61 15.95
CA GLY B 29 28.05 -10.56 17.24
C GLY B 29 28.61 -11.54 18.26
N GLY B 30 29.80 -12.08 18.03
CA GLY B 30 30.41 -13.00 18.95
C GLY B 30 31.84 -12.61 19.25
N CYS B 31 32.32 -13.07 20.40
CA CYS B 31 33.64 -12.74 20.89
C CYS B 31 34.49 -14.00 20.98
N VAL B 32 35.81 -13.81 20.91
CA VAL B 32 36.78 -14.90 20.98
C VAL B 32 37.86 -14.48 21.96
N THR B 33 37.85 -15.08 23.15
CA THR B 33 38.87 -14.82 24.16
C THR B 33 40.09 -15.69 23.89
N VAL B 34 41.25 -15.07 23.73
CA VAL B 34 42.47 -15.75 23.32
C VAL B 34 43.47 -15.67 24.47
N MET B 35 43.80 -16.83 25.04
CA MET B 35 44.70 -16.94 26.17
C MET B 35 46.01 -17.59 25.75
N ALA B 36 47.10 -17.20 26.42
CA ALA B 36 48.41 -17.78 26.15
C ALA B 36 49.22 -17.78 27.44
N GLN B 37 50.09 -18.77 27.57
CA GLN B 37 50.92 -18.89 28.77
C GLN B 37 51.87 -17.71 28.88
N ASP B 38 51.79 -17.00 30.01
CA ASP B 38 52.66 -15.85 30.29
C ASP B 38 52.50 -14.77 29.22
N LYS B 39 51.28 -14.59 28.75
CA LYS B 39 50.94 -13.56 27.77
C LYS B 39 49.56 -13.01 28.09
N PRO B 40 49.30 -11.75 27.74
CA PRO B 40 48.02 -11.15 28.09
C PRO B 40 46.87 -11.73 27.27
N THR B 41 45.68 -11.66 27.82
CA THR B 41 44.48 -12.18 27.19
C THR B 41 43.86 -11.08 26.32
N VAL B 42 43.73 -11.35 25.03
CA VAL B 42 43.17 -10.39 24.08
C VAL B 42 41.84 -10.92 23.56
N ASP B 43 40.92 -9.99 23.32
CA ASP B 43 39.59 -10.31 22.80
C ASP B 43 39.52 -9.92 21.33
N ILE B 44 39.04 -10.85 20.50
CA ILE B 44 38.92 -10.66 19.06
C ILE B 44 37.46 -10.89 18.68
N GLU B 45 36.84 -9.87 18.08
CA GLU B 45 35.43 -9.96 17.71
C GLU B 45 35.16 -9.14 16.47
N LEU B 46 34.45 -9.73 15.51
CA LEU B 46 34.06 -9.05 14.28
C LEU B 46 32.93 -8.07 14.57
N VAL B 47 33.06 -6.83 14.06
CA VAL B 47 32.08 -5.80 14.37
C VAL B 47 31.32 -5.34 13.13
N THR B 48 31.95 -5.44 11.96
CA THR B 48 31.36 -4.85 10.76
C THR B 48 31.74 -5.66 9.52
N THR B 49 30.74 -6.12 8.79
CA THR B 49 30.91 -6.64 7.44
C THR B 49 30.17 -5.72 6.48
N THR B 50 30.90 -5.12 5.55
CA THR B 50 30.35 -4.09 4.66
C THR B 50 30.75 -4.36 3.21
N VAL B 51 29.80 -4.15 2.30
CA VAL B 51 30.04 -4.30 0.87
C VAL B 51 29.93 -2.92 0.22
N SER B 52 30.53 -2.82 -0.97
CA SER B 52 30.61 -1.54 -1.67
C SER B 52 30.61 -1.80 -3.17
N ASN B 53 30.67 -0.71 -3.94
CA ASN B 53 30.75 -0.75 -5.40
C ASN B 53 29.66 -1.64 -6.01
N MET B 54 28.42 -1.26 -5.76
CA MET B 54 27.25 -2.01 -6.21
C MET B 54 26.59 -1.25 -7.37
N ALA B 55 26.69 -1.82 -8.57
CA ALA B 55 26.04 -1.25 -9.74
C ALA B 55 24.59 -1.73 -9.83
N GLU B 56 23.70 -0.81 -10.15
CA GLU B 56 22.28 -1.14 -10.24
C GLU B 56 22.01 -1.98 -11.49
N VAL B 57 21.26 -3.05 -11.31
CA VAL B 57 20.95 -3.99 -12.39
C VAL B 57 19.55 -3.75 -12.95
N ARG B 58 18.56 -3.70 -12.08
CA ARG B 58 17.17 -3.59 -12.52
C ARG B 58 16.33 -3.03 -11.37
N SER B 59 15.24 -2.37 -11.72
CA SER B 59 14.34 -1.77 -10.75
C SER B 59 12.91 -2.17 -11.08
N TYR B 60 12.22 -2.76 -10.12
CA TYR B 60 10.83 -3.16 -10.27
C TYR B 60 9.90 -2.18 -9.56
N CYS B 61 8.78 -1.89 -10.19
CA CYS B 61 7.77 -0.99 -9.63
C CYS B 61 6.69 -1.82 -8.94
N TYR B 62 6.35 -1.45 -7.70
CA TYR B 62 5.36 -2.16 -6.92
C TYR B 62 4.18 -1.28 -6.50
N GLU B 63 4.07 -0.08 -7.06
CA GLU B 63 2.93 0.79 -6.79
C GLU B 63 2.88 1.81 -7.91
N ALA B 64 1.75 1.89 -8.62
CA ALA B 64 1.65 2.67 -9.85
C ALA B 64 0.36 3.47 -9.84
N SER B 65 0.21 4.32 -10.86
CA SER B 65 -0.99 5.13 -11.05
C SER B 65 -1.11 5.46 -12.52
N ILE B 66 -2.35 5.57 -12.99
CA ILE B 66 -2.62 5.88 -14.39
C ILE B 66 -3.35 7.22 -14.50
N SER B 67 -3.22 7.82 -15.68
CA SER B 67 -3.91 9.08 -15.98
C SER B 67 -3.94 9.24 -17.49
N ASP B 68 -4.62 10.30 -17.94
CA ASP B 68 -4.70 10.68 -19.34
C ASP B 68 -5.21 9.51 -20.19
N MET B 69 -6.27 8.87 -19.72
CA MET B 69 -6.80 7.67 -20.33
C MET B 69 -8.00 7.99 -21.21
N ALA B 70 -8.14 7.23 -22.29
CA ALA B 70 -9.25 7.38 -23.21
C ALA B 70 -9.45 6.07 -23.96
N SER B 71 -10.50 6.03 -24.77
CA SER B 71 -10.82 4.85 -25.57
C SER B 71 -11.23 5.28 -26.98
N ASP B 72 -11.04 4.38 -27.93
CA ASP B 72 -11.45 4.60 -29.30
C ASP B 72 -12.03 3.32 -29.88
N SER B 73 -13.20 3.42 -30.49
CA SER B 73 -13.88 2.27 -31.07
C SER B 73 -14.15 2.52 -32.55
N ARG B 74 -14.24 1.44 -33.31
CA ARG B 74 -14.56 1.51 -34.73
C ARG B 74 -15.48 0.35 -35.08
N CYS B 75 -16.29 0.56 -36.13
CA CYS B 75 -17.24 -0.45 -36.57
C CYS B 75 -16.51 -1.64 -37.19
N PRO B 76 -17.17 -2.79 -37.30
CA PRO B 76 -16.58 -3.91 -38.04
C PRO B 76 -16.35 -3.53 -39.50
N THR B 77 -15.22 -3.99 -40.04
CA THR B 77 -14.75 -3.63 -41.38
C THR B 77 -14.55 -2.13 -41.54
N GLN B 78 -14.26 -1.44 -40.44
CA GLN B 78 -13.82 -0.05 -40.47
C GLN B 78 -12.36 0.09 -40.06
N GLY B 79 -11.64 -1.02 -39.95
CA GLY B 79 -10.24 -1.00 -39.62
C GLY B 79 -9.98 -1.05 -38.12
N GLU B 80 -8.71 -1.23 -37.78
CA GLU B 80 -8.29 -1.23 -36.39
C GLU B 80 -8.43 0.16 -35.79
N ALA B 81 -8.79 0.21 -34.51
CA ALA B 81 -8.94 1.49 -33.84
C ALA B 81 -7.59 2.15 -33.63
N TYR B 82 -7.61 3.45 -33.35
CA TYR B 82 -6.38 4.21 -33.24
C TYR B 82 -6.55 5.36 -32.25
N LEU B 83 -5.56 5.52 -31.39
CA LEU B 83 -5.47 6.66 -30.48
C LEU B 83 -4.12 7.34 -30.68
N ASP B 84 -4.08 8.64 -30.38
CA ASP B 84 -2.88 9.43 -30.64
C ASP B 84 -1.71 8.96 -29.79
N LYS B 85 -1.95 8.68 -28.50
CA LYS B 85 -0.90 8.33 -27.56
C LYS B 85 -0.70 6.82 -27.44
N GLN B 86 -1.03 6.07 -28.49
CA GLN B 86 -0.83 4.62 -28.46
C GLN B 86 0.64 4.25 -28.60
N SER B 87 1.35 4.91 -29.51
CA SER B 87 2.77 4.64 -29.72
C SER B 87 3.66 5.24 -28.65
N ASP B 88 3.11 6.09 -27.77
CA ASP B 88 3.89 6.66 -26.69
C ASP B 88 4.31 5.59 -25.70
N THR B 89 5.59 5.56 -25.35
CA THR B 89 6.11 4.51 -24.49
C THR B 89 5.70 4.69 -23.03
N GLN B 90 5.15 5.84 -22.65
CA GLN B 90 4.63 6.06 -21.31
C GLN B 90 3.19 5.61 -21.15
N TYR B 91 2.64 4.91 -22.15
CA TYR B 91 1.24 4.49 -22.14
C TYR B 91 1.15 2.99 -22.35
N VAL B 92 0.19 2.36 -21.66
CA VAL B 92 -0.11 0.95 -21.82
C VAL B 92 -1.48 0.83 -22.48
N CYS B 93 -1.55 0.04 -23.56
CA CYS B 93 -2.77 -0.11 -24.33
C CYS B 93 -3.15 -1.57 -24.43
N LYS B 94 -4.40 -1.82 -24.81
CA LYS B 94 -4.90 -3.18 -25.01
C LYS B 94 -5.94 -3.16 -26.12
N ARG B 95 -5.65 -3.86 -27.21
CA ARG B 95 -6.61 -4.03 -28.29
C ARG B 95 -7.61 -5.11 -27.92
N THR B 96 -8.88 -4.88 -28.28
CA THR B 96 -9.95 -5.81 -27.97
C THR B 96 -11.08 -5.65 -28.96
N LEU B 97 -11.92 -6.69 -29.04
CA LEU B 97 -13.06 -6.72 -29.96
C LEU B 97 -14.35 -6.68 -29.16
N VAL B 98 -15.20 -5.71 -29.49
CA VAL B 98 -16.51 -5.56 -28.85
C VAL B 98 -17.59 -5.70 -29.91
N ASN B 99 -18.78 -6.09 -29.46
CA ASN B 99 -19.89 -6.35 -30.37
C ASN B 99 -20.53 -5.05 -30.81
N ARG B 100 -20.65 -4.86 -32.13
CA ARG B 100 -21.31 -3.71 -32.71
C ARG B 100 -22.40 -4.19 -33.66
N GLY B 101 -23.40 -3.35 -33.87
CA GLY B 101 -24.54 -3.71 -34.68
C GLY B 101 -25.26 -2.52 -35.25
N TRP B 102 -26.56 -2.70 -35.51
CA TRP B 102 -27.34 -1.63 -36.14
C TRP B 102 -27.78 -0.59 -35.12
N GLY B 103 -28.19 -1.01 -33.93
CA GLY B 103 -28.56 -0.07 -32.89
C GLY B 103 -27.41 0.64 -32.23
N THR B 104 -26.17 0.27 -32.56
CA THR B 104 -24.98 0.86 -31.95
C THR B 104 -24.17 1.70 -32.94
N GLY B 105 -24.79 2.17 -34.01
CA GLY B 105 -24.18 3.14 -34.91
C GLY B 105 -23.53 2.58 -36.15
N CYS B 106 -23.48 1.26 -36.28
CA CYS B 106 -22.83 0.63 -37.42
C CYS B 106 -23.86 0.17 -38.46
N LEU B 107 -23.35 -0.25 -39.61
CA LEU B 107 -24.19 -0.70 -40.72
C LEU B 107 -24.15 -2.20 -40.93
N GLU B 108 -23.26 -2.91 -40.25
CA GLU B 108 -23.15 -4.36 -40.38
C GLU B 108 -22.84 -4.96 -39.01
N TRP B 109 -23.32 -6.18 -38.80
CA TRP B 109 -23.15 -6.88 -37.53
C TRP B 109 -21.81 -7.59 -37.50
N GLY B 110 -21.11 -7.45 -36.37
CA GLY B 110 -19.82 -8.09 -36.22
C GLY B 110 -19.12 -7.61 -34.96
N LYS B 111 -17.81 -7.83 -34.94
CA LYS B 111 -16.96 -7.42 -33.82
C LYS B 111 -16.08 -6.26 -34.28
N GLY B 112 -16.32 -5.08 -33.70
CA GLY B 112 -15.55 -3.91 -34.06
C GLY B 112 -14.32 -3.73 -33.20
N SER B 113 -13.40 -2.90 -33.70
CA SER B 113 -12.14 -2.67 -33.01
C SER B 113 -12.34 -1.73 -31.82
N LEU B 114 -11.48 -1.89 -30.81
CA LEU B 114 -11.53 -1.06 -29.62
C LEU B 114 -10.15 -1.05 -28.98
N VAL B 115 -9.69 0.14 -28.58
CA VAL B 115 -8.38 0.31 -27.97
C VAL B 115 -8.52 1.27 -26.79
N THR B 116 -7.80 0.97 -25.71
CA THR B 116 -7.84 1.78 -24.50
C THR B 116 -6.43 1.92 -23.95
N CYS B 117 -5.99 3.16 -23.75
CA CYS B 117 -4.65 3.46 -23.28
C CYS B 117 -4.72 4.30 -22.01
N ALA B 118 -3.59 4.33 -21.28
CA ALA B 118 -3.49 5.08 -20.04
C ALA B 118 -2.02 5.35 -19.76
N LYS B 119 -1.72 6.56 -19.29
CA LYS B 119 -0.35 6.96 -19.03
C LYS B 119 0.14 6.33 -17.73
N PHE B 120 1.33 5.75 -17.77
CA PHE B 120 1.86 4.97 -16.66
C PHE B 120 2.82 5.82 -15.82
N ALA B 121 2.60 5.83 -14.51
CA ALA B 121 3.50 6.45 -13.56
C ALA B 121 3.74 5.48 -12.41
N CYS B 122 4.91 5.58 -11.79
CA CYS B 122 5.32 4.67 -10.74
C CYS B 122 5.50 5.45 -9.44
N SER B 123 4.71 5.08 -8.42
CA SER B 123 4.82 5.74 -7.13
C SER B 123 6.11 5.34 -6.41
N LYS B 124 6.27 4.05 -6.17
CA LYS B 124 7.42 3.53 -5.43
C LYS B 124 8.00 2.33 -6.17
N LYS B 125 9.33 2.20 -6.11
CA LYS B 125 10.00 1.11 -6.80
C LYS B 125 11.08 0.52 -5.90
N MET B 126 11.50 -0.70 -6.23
CA MET B 126 12.59 -1.40 -5.56
C MET B 126 13.71 -1.62 -6.57
N THR B 127 14.93 -1.76 -6.07
CA THR B 127 16.11 -1.85 -6.93
C THR B 127 17.03 -2.97 -6.45
N GLY B 128 17.51 -3.77 -7.39
CA GLY B 128 18.50 -4.79 -7.13
C GLY B 128 19.86 -4.37 -7.70
N LYS B 129 20.90 -4.53 -6.87
CA LYS B 129 22.24 -4.11 -7.23
C LYS B 129 23.19 -5.29 -7.25
N SER B 130 24.20 -5.21 -8.12
CA SER B 130 25.19 -6.28 -8.22
C SER B 130 26.15 -6.22 -7.05
N ILE B 131 26.72 -7.37 -6.71
CA ILE B 131 27.66 -7.52 -5.61
C ILE B 131 28.86 -8.33 -6.10
N GLN B 132 30.06 -7.74 -6.02
CA GLN B 132 31.26 -8.46 -6.38
C GLN B 132 32.08 -8.78 -5.14
N PRO B 133 32.79 -9.92 -5.14
CA PRO B 133 33.45 -10.37 -3.89
C PRO B 133 34.62 -9.49 -3.47
N GLU B 134 35.32 -8.85 -4.42
CA GLU B 134 36.47 -8.03 -4.05
C GLU B 134 36.07 -6.83 -3.20
N ASN B 135 34.84 -6.35 -3.36
CA ASN B 135 34.37 -5.17 -2.62
C ASN B 135 33.78 -5.59 -1.26
N LEU B 136 34.63 -6.26 -0.48
CA LEU B 136 34.26 -6.77 0.84
C LEU B 136 35.21 -6.20 1.87
N GLU B 137 34.67 -5.78 3.01
CA GLU B 137 35.48 -5.19 4.07
C GLU B 137 34.98 -5.64 5.42
N TYR B 138 35.88 -6.19 6.24
CA TYR B 138 35.58 -6.61 7.60
C TYR B 138 36.28 -5.69 8.59
N ARG B 139 35.64 -5.49 9.74
CA ARG B 139 36.22 -4.70 10.83
C ARG B 139 36.31 -5.56 12.07
N ILE B 140 37.51 -5.63 12.65
CA ILE B 140 37.80 -6.47 13.80
C ILE B 140 38.28 -5.59 14.95
N MET B 141 37.67 -5.77 16.12
CA MET B 141 38.01 -5.00 17.30
C MET B 141 38.91 -5.83 18.21
N LEU B 142 40.11 -5.32 18.48
CA LEU B 142 41.08 -5.97 19.35
C LEU B 142 41.13 -5.23 20.66
N SER B 143 40.88 -5.93 21.76
CA SER B 143 40.85 -5.33 23.08
C SER B 143 41.65 -6.17 24.06
N VAL B 144 42.31 -5.49 25.00
CA VAL B 144 43.02 -6.17 26.07
C VAL B 144 42.03 -6.49 27.17
N HIS B 145 42.00 -7.75 27.61
CA HIS B 145 40.99 -8.23 28.53
C HIS B 145 41.50 -8.04 29.96
N GLY B 146 41.16 -6.90 30.55
CA GLY B 146 41.44 -6.72 31.96
C GLY B 146 42.44 -5.67 32.41
N SER B 147 42.61 -4.55 31.69
CA SER B 147 43.57 -3.57 32.19
C SER B 147 42.91 -2.53 33.09
N GLN B 148 42.21 -3.05 34.10
CA GLN B 148 41.81 -2.40 35.35
C GLN B 148 40.70 -1.40 35.09
N HIS B 149 40.36 -1.21 33.83
CA HIS B 149 39.23 -0.40 33.42
C HIS B 149 38.40 -1.10 32.36
N SER B 150 38.83 -2.29 31.90
CA SER B 150 38.11 -3.01 30.86
C SER B 150 36.69 -3.37 31.29
N GLY B 151 36.41 -3.36 32.60
CA GLY B 151 35.07 -3.54 33.09
C GLY B 151 34.19 -2.31 32.90
N MET B 152 34.79 -1.15 32.65
CA MET B 152 34.04 0.04 32.29
C MET B 152 33.68 0.09 30.81
N ILE B 153 34.28 -0.76 29.98
CA ILE B 153 34.09 -0.71 28.53
C ILE B 153 33.04 -1.75 28.15
N VAL B 154 32.04 -1.31 27.38
CA VAL B 154 30.99 -2.20 26.90
C VAL B 154 30.81 -2.12 25.40
N ASN B 155 31.35 -1.11 24.74
CA ASN B 155 31.15 -0.93 23.30
C ASN B 155 32.42 -0.29 22.73
N ASP B 156 32.34 0.11 21.46
CA ASP B 156 33.49 0.62 20.74
C ASP B 156 33.69 2.12 20.88
N THR B 157 32.68 2.85 21.36
CA THR B 157 32.83 4.30 21.49
C THR B 157 33.93 4.63 22.49
N GLY B 158 35.03 5.21 21.99
CA GLY B 158 36.21 5.47 22.80
C GLY B 158 37.42 4.66 22.41
N HIS B 159 37.30 3.78 21.41
CA HIS B 159 38.42 2.92 21.01
C HIS B 159 39.56 3.71 20.37
N GLU B 160 39.31 4.94 19.92
CA GLU B 160 40.34 5.71 19.22
C GLU B 160 41.46 6.11 20.17
N THR B 161 41.11 6.71 21.31
CA THR B 161 42.10 7.19 22.25
C THR B 161 42.54 6.12 23.25
N ASP B 162 41.85 4.99 23.32
CA ASP B 162 42.23 3.90 24.21
C ASP B 162 43.37 3.12 23.59
N GLU B 163 44.53 3.12 24.26
CA GLU B 163 45.69 2.42 23.74
C GLU B 163 45.56 0.91 23.88
N ASN B 164 44.75 0.43 24.83
CA ASN B 164 44.52 -0.99 25.01
C ASN B 164 43.46 -1.53 24.06
N ARG B 165 43.07 -0.77 23.04
CA ARG B 165 42.10 -1.21 22.05
C ARG B 165 42.53 -0.71 20.68
N ALA B 166 42.47 -1.60 19.68
CA ALA B 166 42.83 -1.23 18.32
C ALA B 166 41.93 -1.98 17.35
N LYS B 167 41.42 -1.27 16.35
CA LYS B 167 40.58 -1.87 15.33
C LYS B 167 41.33 -1.94 14.00
N VAL B 168 40.99 -2.95 13.22
CA VAL B 168 41.63 -3.19 11.92
C VAL B 168 40.57 -3.56 10.90
N GLU B 169 40.83 -3.19 9.64
CA GLU B 169 39.95 -3.49 8.53
C GLU B 169 40.63 -4.47 7.59
N ILE B 170 39.85 -5.44 7.09
CA ILE B 170 40.37 -6.51 6.25
C ILE B 170 39.52 -6.61 4.99
N THR B 171 40.17 -6.68 3.85
CA THR B 171 39.54 -6.93 2.56
C THR B 171 40.15 -8.20 1.94
N PRO B 172 39.46 -8.84 1.00
CA PRO B 172 40.04 -10.03 0.37
C PRO B 172 41.36 -9.77 -0.33
N ASN B 173 41.60 -8.54 -0.79
CA ASN B 173 42.87 -8.19 -1.42
C ASN B 173 43.82 -7.47 -0.47
N SER B 174 43.60 -7.61 0.84
CA SER B 174 44.48 -7.06 1.87
C SER B 174 44.25 -7.80 3.18
N PRO B 175 44.63 -9.08 3.26
CA PRO B 175 44.25 -9.88 4.42
C PRO B 175 45.08 -9.64 5.67
N ARG B 176 46.30 -9.13 5.54
CA ARG B 176 47.18 -8.99 6.69
C ARG B 176 46.99 -7.63 7.35
N ALA B 177 47.20 -7.60 8.67
CA ALA B 177 47.05 -6.39 9.46
C ALA B 177 47.75 -6.58 10.80
N GLU B 178 48.41 -5.53 11.27
CA GLU B 178 49.05 -5.52 12.57
C GLU B 178 48.49 -4.36 13.40
N ALA B 179 48.26 -4.62 14.69
CA ALA B 179 47.66 -3.64 15.58
C ALA B 179 48.36 -3.68 16.92
N THR B 180 48.87 -2.53 17.36
CA THR B 180 49.56 -2.43 18.64
C THR B 180 48.57 -2.18 19.76
N LEU B 181 48.71 -2.93 20.85
CA LEU B 181 47.81 -2.83 21.99
C LEU B 181 48.40 -2.01 23.14
N GLY B 182 49.21 -1.01 22.82
CA GLY B 182 49.77 -0.17 23.86
C GLY B 182 50.85 -0.91 24.64
N GLY B 183 50.76 -0.87 25.97
CA GLY B 183 51.74 -1.51 26.81
C GLY B 183 51.69 -3.03 26.82
N PHE B 184 50.73 -3.63 26.14
CA PHE B 184 50.60 -5.08 26.06
C PHE B 184 51.14 -5.65 24.75
N GLY B 185 52.03 -4.91 24.08
CA GLY B 185 52.66 -5.41 22.87
C GLY B 185 51.89 -5.07 21.60
N SER B 186 51.86 -6.02 20.66
CA SER B 186 51.17 -5.81 19.40
C SER B 186 50.72 -7.17 18.85
N LEU B 187 49.59 -7.17 18.17
CA LEU B 187 48.98 -8.37 17.63
C LEU B 187 49.18 -8.46 16.13
N GLY B 188 49.28 -9.69 15.63
CA GLY B 188 49.36 -9.96 14.21
C GLY B 188 48.07 -10.60 13.73
N LEU B 189 47.76 -10.40 12.45
CA LEU B 189 46.50 -10.88 11.90
C LEU B 189 46.68 -11.23 10.43
N ASP B 190 46.11 -12.38 10.03
CA ASP B 190 46.07 -12.78 8.63
C ASP B 190 44.74 -13.50 8.43
N CYS B 191 43.74 -12.78 7.94
CA CYS B 191 42.37 -13.27 7.90
C CYS B 191 41.97 -13.72 6.50
N GLU B 192 40.94 -14.57 6.46
CA GLU B 192 40.46 -15.18 5.22
C GLU B 192 38.96 -14.99 5.14
N PRO B 193 38.43 -14.34 4.10
CA PRO B 193 36.98 -14.18 3.98
C PRO B 193 36.29 -15.53 3.89
N ARG B 194 35.37 -15.78 4.82
CA ARG B 194 34.76 -17.10 4.98
C ARG B 194 33.25 -17.00 5.15
N THR B 195 32.61 -16.15 4.36
CA THR B 195 31.16 -16.07 4.34
C THR B 195 30.67 -16.84 3.12
N GLY B 196 30.08 -18.02 3.35
CA GLY B 196 29.53 -18.75 2.23
C GLY B 196 28.43 -17.92 1.59
N LEU B 197 28.69 -17.42 0.39
CA LEU B 197 27.74 -16.56 -0.29
C LEU B 197 28.16 -16.51 -1.76
N ASP B 198 27.24 -16.80 -2.66
CA ASP B 198 27.55 -16.77 -4.09
C ASP B 198 27.19 -15.39 -4.62
N PHE B 199 28.14 -14.45 -4.51
CA PHE B 199 27.89 -13.07 -4.95
C PHE B 199 27.63 -13.00 -6.45
N SER B 200 28.18 -13.95 -7.22
CA SER B 200 27.89 -14.03 -8.64
C SER B 200 26.46 -14.48 -8.92
N ASP B 201 25.73 -14.93 -7.90
CA ASP B 201 24.33 -15.32 -8.02
C ASP B 201 23.50 -14.63 -6.96
N LEU B 202 23.74 -13.33 -6.75
CA LEU B 202 23.04 -12.57 -5.72
C LEU B 202 22.91 -11.12 -6.14
N TYR B 203 21.79 -10.52 -5.78
CA TYR B 203 21.53 -9.11 -5.97
C TYR B 203 21.22 -8.44 -4.64
N TYR B 204 21.66 -7.19 -4.51
CA TYR B 204 21.38 -6.40 -3.30
C TYR B 204 20.08 -5.64 -3.54
N LEU B 205 19.00 -6.11 -2.93
CA LEU B 205 17.66 -5.57 -3.16
C LEU B 205 17.26 -4.64 -2.03
N THR B 206 16.81 -3.44 -2.38
CA THR B 206 16.30 -2.47 -1.42
C THR B 206 14.87 -2.10 -1.79
N MET B 207 14.04 -1.91 -0.77
CA MET B 207 12.66 -1.45 -0.98
C MET B 207 12.20 -0.73 0.27
N ASN B 208 12.18 0.60 0.23
CA ASN B 208 11.60 1.44 1.27
C ASN B 208 12.23 1.15 2.64
N ASN B 209 13.54 1.38 2.72
CA ASN B 209 14.36 1.21 3.92
C ASN B 209 14.45 -0.24 4.39
N LYS B 210 13.90 -1.18 3.63
CA LYS B 210 14.03 -2.61 3.92
C LYS B 210 14.85 -3.25 2.82
N HIS B 211 15.88 -4.00 3.22
CA HIS B 211 16.89 -4.47 2.28
C HIS B 211 17.22 -5.93 2.56
N TRP B 212 17.46 -6.69 1.51
CA TRP B 212 17.80 -8.11 1.62
C TRP B 212 18.83 -8.47 0.56
N LEU B 213 19.29 -9.71 0.62
CA LEU B 213 20.09 -10.32 -0.44
C LEU B 213 19.24 -11.41 -1.09
N VAL B 214 19.03 -11.29 -2.40
CA VAL B 214 18.14 -12.20 -3.12
C VAL B 214 18.92 -12.90 -4.22
N HIS B 215 18.38 -14.04 -4.65
CA HIS B 215 18.99 -14.81 -5.71
C HIS B 215 18.64 -14.23 -7.07
N LYS B 216 19.56 -14.38 -8.02
CA LYS B 216 19.39 -13.77 -9.33
C LYS B 216 18.21 -14.39 -10.10
N GLU B 217 18.05 -15.71 -10.03
CA GLU B 217 16.97 -16.35 -10.76
C GLU B 217 15.61 -15.92 -10.21
N TRP B 218 15.48 -15.82 -8.89
CA TRP B 218 14.23 -15.32 -8.31
C TRP B 218 13.99 -13.87 -8.69
N PHE B 219 15.06 -13.07 -8.76
CA PHE B 219 14.91 -11.65 -9.07
C PHE B 219 14.51 -11.44 -10.52
N HIS B 220 15.03 -12.29 -11.43
CA HIS B 220 14.72 -12.15 -12.85
C HIS B 220 13.30 -12.60 -13.18
N ASP B 221 12.63 -13.32 -12.27
CA ASP B 221 11.30 -13.88 -12.53
C ASP B 221 10.20 -13.11 -11.80
N ILE B 222 10.50 -11.92 -11.31
CA ILE B 222 9.52 -11.11 -10.57
C ILE B 222 8.53 -10.52 -11.56
N PRO B 223 7.23 -10.77 -11.40
CA PRO B 223 6.21 -10.26 -12.34
C PRO B 223 5.77 -8.84 -12.00
N LEU B 224 6.65 -7.88 -12.28
CA LEU B 224 6.39 -6.47 -12.05
C LEU B 224 7.04 -5.68 -13.18
N PRO B 225 6.56 -4.46 -13.44
CA PRO B 225 7.22 -3.62 -14.44
C PRO B 225 8.66 -3.33 -14.04
N TRP B 226 9.53 -3.25 -15.04
CA TRP B 226 10.96 -3.14 -14.77
C TRP B 226 11.64 -2.26 -15.81
N HIS B 227 12.80 -1.74 -15.44
CA HIS B 227 13.71 -1.08 -16.37
C HIS B 227 15.14 -1.43 -15.95
N ALA B 228 16.00 -1.65 -16.92
CA ALA B 228 17.36 -2.09 -16.63
C ALA B 228 18.23 -0.92 -16.21
N GLY B 229 19.15 -1.19 -15.29
CA GLY B 229 20.06 -0.15 -14.83
C GLY B 229 19.33 0.91 -14.03
N ALA B 230 19.58 2.18 -14.38
CA ALA B 230 18.91 3.30 -13.75
C ALA B 230 18.90 4.47 -14.72
N ASP B 231 18.06 5.45 -14.43
CA ASP B 231 17.92 6.60 -15.31
C ASP B 231 17.52 7.82 -14.49
N THR B 232 17.99 8.99 -14.92
CA THR B 232 17.54 10.25 -14.38
C THR B 232 16.35 10.77 -15.19
N GLY B 233 15.45 11.45 -14.52
CA GLY B 233 14.21 11.87 -15.17
C GLY B 233 13.20 10.74 -15.15
N THR B 234 12.68 10.40 -16.33
CA THR B 234 11.69 9.34 -16.45
C THR B 234 12.24 8.21 -17.32
N PRO B 235 12.34 6.99 -16.80
CA PRO B 235 12.76 5.86 -17.62
C PRO B 235 11.57 5.14 -18.26
N HIS B 236 11.87 4.37 -19.30
CA HIS B 236 10.85 3.59 -19.99
C HIS B 236 10.59 2.30 -19.22
N TRP B 237 9.38 2.16 -18.69
CA TRP B 237 9.02 0.98 -17.91
C TRP B 237 8.56 -0.12 -18.85
N ASN B 238 9.24 -1.26 -18.79
CA ASN B 238 8.86 -2.44 -19.56
C ASN B 238 7.85 -3.27 -18.77
N ASN B 239 7.01 -4.02 -19.50
CA ASN B 239 6.01 -4.91 -18.91
C ASN B 239 5.05 -4.13 -18.02
N LYS B 240 4.45 -3.08 -18.59
CA LYS B 240 3.53 -2.23 -17.84
C LYS B 240 2.19 -2.90 -17.57
N GLU B 241 1.90 -4.02 -18.23
CA GLU B 241 0.63 -4.73 -18.01
C GLU B 241 0.62 -5.54 -16.71
N ALA B 242 1.71 -5.52 -15.94
CA ALA B 242 1.75 -6.28 -14.69
C ALA B 242 1.05 -5.58 -13.55
N LEU B 243 0.92 -4.25 -13.61
CA LEU B 243 0.23 -3.50 -12.57
C LEU B 243 -1.08 -2.87 -13.04
N VAL B 244 -1.39 -2.94 -14.33
CA VAL B 244 -2.60 -2.36 -14.88
C VAL B 244 -3.33 -3.45 -15.67
N GLU B 245 -4.62 -3.59 -15.42
CA GLU B 245 -5.45 -4.59 -16.09
C GLU B 245 -6.72 -3.94 -16.62
N PHE B 246 -7.24 -4.50 -17.70
CA PHE B 246 -8.42 -3.98 -18.38
C PHE B 246 -9.59 -4.94 -18.19
N LYS B 247 -10.70 -4.42 -17.65
CA LYS B 247 -11.88 -5.20 -17.34
C LYS B 247 -12.83 -5.23 -18.54
N ASP B 248 -14.05 -5.74 -18.32
CA ASP B 248 -15.01 -5.89 -19.40
C ASP B 248 -15.26 -4.57 -20.12
N ALA B 249 -15.37 -4.64 -21.44
CA ALA B 249 -15.45 -3.46 -22.28
C ALA B 249 -16.90 -3.21 -22.70
N HIS B 250 -17.32 -1.96 -22.58
CA HIS B 250 -18.64 -1.53 -23.03
C HIS B 250 -18.57 -1.18 -24.52
N ALA B 251 -19.66 -0.58 -25.04
CA ALA B 251 -19.77 -0.37 -26.47
C ALA B 251 -18.64 0.51 -27.01
N LYS B 252 -18.27 1.56 -26.27
CA LYS B 252 -17.25 2.48 -26.76
C LYS B 252 -16.24 2.86 -25.68
N ARG B 253 -16.04 2.01 -24.69
CA ARG B 253 -15.07 2.30 -23.64
C ARG B 253 -14.67 1.02 -22.93
N GLN B 254 -13.58 1.10 -22.18
CA GLN B 254 -13.08 -0.01 -21.38
C GLN B 254 -12.48 0.55 -20.10
N THR B 255 -12.64 -0.19 -19.00
CA THR B 255 -12.18 0.26 -17.69
C THR B 255 -10.72 -0.11 -17.47
N VAL B 256 -10.00 0.79 -16.81
CA VAL B 256 -8.57 0.64 -16.55
C VAL B 256 -8.33 0.85 -15.06
N VAL B 257 -7.73 -0.13 -14.40
CA VAL B 257 -7.58 -0.13 -12.95
C VAL B 257 -6.15 -0.55 -12.60
N VAL B 258 -5.55 0.16 -11.64
CA VAL B 258 -4.23 -0.18 -11.13
C VAL B 258 -4.36 -1.20 -10.00
N LEU B 259 -3.39 -2.10 -9.93
CA LEU B 259 -3.36 -3.09 -8.85
C LEU B 259 -2.83 -2.47 -7.57
N GLY B 260 -3.15 -3.11 -6.45
CA GLY B 260 -2.68 -2.66 -5.16
C GLY B 260 -1.17 -2.77 -5.02
N SER B 261 -0.67 -2.16 -3.94
CA SER B 261 0.76 -2.16 -3.68
C SER B 261 1.27 -3.58 -3.44
N GLN B 262 2.36 -3.92 -4.13
CA GLN B 262 2.96 -5.25 -4.04
C GLN B 262 4.04 -5.33 -2.95
N GLU B 263 4.09 -4.34 -2.06
CA GLU B 263 5.11 -4.33 -1.01
C GLU B 263 4.95 -5.51 -0.07
N GLY B 264 3.72 -5.74 0.42
CA GLY B 264 3.48 -6.86 1.31
C GLY B 264 3.68 -8.21 0.64
N ALA B 265 3.43 -8.28 -0.67
CA ALA B 265 3.65 -9.53 -1.40
C ALA B 265 5.13 -9.87 -1.47
N VAL B 266 5.99 -8.86 -1.61
CA VAL B 266 7.43 -9.11 -1.65
C VAL B 266 7.95 -9.42 -0.24
N HIS B 267 7.47 -8.70 0.76
CA HIS B 267 7.83 -9.01 2.14
C HIS B 267 7.44 -10.44 2.50
N THR B 268 6.29 -10.90 2.00
CA THR B 268 5.90 -12.30 2.20
C THR B 268 6.86 -13.24 1.50
N ALA B 269 7.30 -12.90 0.29
CA ALA B 269 8.21 -13.75 -0.47
C ALA B 269 9.60 -13.78 0.14
N LEU B 270 10.05 -12.66 0.70
CA LEU B 270 11.39 -12.53 1.27
C LEU B 270 11.43 -12.80 2.77
N ALA B 271 10.50 -13.61 3.29
CA ALA B 271 10.49 -13.92 4.71
C ALA B 271 11.70 -14.74 5.12
N GLY B 272 12.27 -15.51 4.19
CA GLY B 272 13.41 -16.34 4.50
C GLY B 272 14.72 -15.77 3.99
N ALA B 273 14.64 -14.70 3.20
CA ALA B 273 15.83 -14.06 2.66
C ALA B 273 16.65 -13.41 3.77
N LEU B 274 17.94 -13.23 3.51
CA LEU B 274 18.85 -12.65 4.48
C LEU B 274 18.75 -11.13 4.45
N GLU B 275 18.61 -10.53 5.63
CA GLU B 275 18.42 -9.09 5.73
C GLU B 275 19.76 -8.37 5.72
N ALA B 276 19.77 -7.17 5.14
CA ALA B 276 20.98 -6.38 4.99
C ALA B 276 20.73 -4.95 5.41
N GLU B 277 21.72 -4.37 6.09
CA GLU B 277 21.71 -2.95 6.45
C GLU B 277 22.25 -2.12 5.29
N MET B 278 21.63 -0.96 5.07
CA MET B 278 22.01 -0.06 3.99
C MET B 278 22.45 1.27 4.58
N ASP B 279 23.70 1.65 4.30
CA ASP B 279 24.25 2.94 4.73
C ASP B 279 24.77 3.65 3.48
N GLY B 280 23.89 4.41 2.85
CA GLY B 280 24.30 5.15 1.66
C GLY B 280 24.53 4.22 0.49
N ALA B 281 25.69 4.37 -0.15
CA ALA B 281 26.07 3.53 -1.28
C ALA B 281 26.71 2.21 -0.86
N LYS B 282 26.80 1.94 0.43
CA LYS B 282 27.37 0.70 0.94
C LYS B 282 26.28 -0.21 1.47
N GLY B 283 26.67 -1.45 1.75
CA GLY B 283 25.76 -2.40 2.36
C GLY B 283 26.39 -3.10 3.55
N ARG B 284 25.73 -3.03 4.70
CA ARG B 284 26.25 -3.60 5.94
C ARG B 284 25.51 -4.89 6.27
N LEU B 285 26.27 -5.87 6.77
CA LEU B 285 25.74 -7.20 7.04
C LEU B 285 25.91 -7.55 8.52
N SER B 286 25.00 -8.39 9.01
CA SER B 286 25.08 -8.93 10.36
C SER B 286 25.48 -10.39 10.38
N SER B 287 25.64 -11.01 9.21
CA SER B 287 26.20 -12.35 9.08
C SER B 287 27.65 -12.26 8.64
N GLY B 288 28.41 -13.31 8.96
CA GLY B 288 29.81 -13.30 8.59
C GLY B 288 30.73 -14.20 9.40
N HIS B 289 31.79 -14.68 8.76
CA HIS B 289 32.82 -15.48 9.41
C HIS B 289 34.17 -15.14 8.82
N LEU B 290 35.21 -15.21 9.65
CA LEU B 290 36.57 -14.89 9.25
C LEU B 290 37.52 -15.92 9.84
N LYS B 291 38.38 -16.50 8.99
CA LYS B 291 39.42 -17.41 9.45
C LYS B 291 40.72 -16.61 9.53
N CYS B 292 41.07 -16.17 10.73
CA CYS B 292 42.27 -15.40 10.97
C CYS B 292 43.34 -16.26 11.63
N ARG B 293 44.59 -15.96 11.35
CA ARG B 293 45.75 -16.68 11.90
C ARG B 293 46.57 -15.68 12.71
N LEU B 294 46.42 -15.73 14.03
CA LEU B 294 47.05 -14.74 14.89
C LEU B 294 48.56 -14.97 15.00
N LYS B 295 49.29 -13.86 15.10
CA LYS B 295 50.70 -13.87 15.46
C LYS B 295 50.81 -13.20 16.82
N MET B 296 51.18 -13.98 17.84
CA MET B 296 51.11 -13.53 19.23
C MET B 296 52.46 -13.46 19.92
N ASP B 297 53.56 -13.65 19.19
CA ASP B 297 54.88 -13.59 19.83
C ASP B 297 55.20 -12.17 20.30
N LYS B 298 54.64 -11.15 19.66
CA LYS B 298 54.89 -9.77 20.03
C LYS B 298 53.99 -9.28 21.16
N LEU B 299 53.08 -10.13 21.65
CA LEU B 299 52.30 -9.79 22.83
C LEU B 299 53.19 -9.86 24.07
N ARG B 300 53.43 -8.71 24.69
CA ARG B 300 54.24 -8.64 25.90
C ARG B 300 53.34 -8.51 27.13
N LEU B 301 53.95 -8.78 28.28
CA LEU B 301 53.27 -8.58 29.55
C LEU B 301 53.65 -7.21 30.10
N LYS B 302 52.66 -6.52 30.69
CA LYS B 302 52.88 -5.12 31.03
C LYS B 302 53.69 -4.97 32.32
N GLY B 303 53.19 -5.51 33.43
CA GLY B 303 53.88 -5.37 34.70
C GLY B 303 54.92 -6.44 34.96
N VAL B 304 56.01 -6.45 34.18
CA VAL B 304 57.07 -7.44 34.38
C VAL B 304 57.77 -7.20 35.70
N SER B 305 58.36 -6.01 35.87
CA SER B 305 59.19 -5.70 37.03
C SER B 305 58.43 -5.03 38.16
N TYR B 306 57.12 -4.85 38.03
CA TYR B 306 56.36 -4.14 39.04
C TYR B 306 56.29 -4.96 40.34
N SER B 307 56.11 -4.25 41.45
CA SER B 307 55.94 -4.88 42.74
C SER B 307 54.53 -5.45 42.88
N LEU B 308 54.28 -6.12 44.00
CA LEU B 308 52.95 -6.57 44.33
C LEU B 308 52.21 -5.48 45.11
N CYS B 309 50.90 -5.44 44.93
CA CYS B 309 50.07 -4.48 45.65
C CYS B 309 50.05 -4.86 47.13
N THR B 310 50.72 -4.06 47.97
CA THR B 310 50.91 -4.43 49.37
C THR B 310 49.71 -4.07 50.24
N ALA B 311 48.94 -3.07 49.86
CA ALA B 311 47.85 -2.58 50.68
C ALA B 311 46.66 -3.54 50.59
N ALA B 312 45.55 -3.18 51.21
CA ALA B 312 44.39 -4.06 51.34
C ALA B 312 43.36 -3.78 50.26
N PHE B 313 42.77 -4.85 49.76
CA PHE B 313 41.68 -4.79 48.79
C PHE B 313 40.33 -4.85 49.50
N THR B 314 39.27 -4.58 48.75
CA THR B 314 37.90 -4.70 49.22
C THR B 314 37.00 -5.04 48.05
N PHE B 315 36.03 -5.92 48.29
CA PHE B 315 35.06 -6.28 47.26
C PHE B 315 33.97 -5.23 47.17
N THR B 316 33.74 -4.72 45.95
CA THR B 316 32.65 -3.80 45.71
C THR B 316 31.37 -4.51 45.28
N LYS B 317 31.48 -5.75 44.82
CA LYS B 317 30.33 -6.53 44.38
C LYS B 317 30.52 -7.98 44.83
N ILE B 318 29.41 -8.63 45.14
CA ILE B 318 29.46 -10.07 45.40
C ILE B 318 29.76 -10.81 44.10
N PRO B 319 30.76 -11.69 44.07
CA PRO B 319 31.12 -12.35 42.81
C PRO B 319 29.94 -13.11 42.21
N ALA B 320 29.82 -13.04 40.88
CA ALA B 320 28.73 -13.65 40.15
C ALA B 320 29.29 -14.61 39.10
N GLU B 321 28.51 -15.64 38.79
CA GLU B 321 28.86 -16.59 37.74
C GLU B 321 28.41 -16.06 36.38
N THR B 322 29.29 -16.19 35.39
CA THR B 322 28.96 -15.79 34.03
C THR B 322 28.23 -16.90 33.31
N LEU B 323 27.87 -16.65 32.05
CA LEU B 323 27.28 -17.67 31.19
C LEU B 323 28.32 -18.67 30.67
N HIS B 324 29.56 -18.59 31.16
CA HIS B 324 30.64 -19.47 30.72
C HIS B 324 31.28 -20.21 31.89
N GLY B 325 30.67 -20.18 33.07
CA GLY B 325 31.23 -20.81 34.25
C GLY B 325 32.28 -20.01 34.97
N THR B 326 32.76 -18.90 34.40
CA THR B 326 33.76 -18.09 35.05
C THR B 326 33.13 -17.17 36.09
N VAL B 327 33.98 -16.54 36.90
CA VAL B 327 33.56 -15.61 37.93
C VAL B 327 34.13 -14.24 37.63
N THR B 328 33.32 -13.21 37.87
CA THR B 328 33.77 -11.82 37.78
C THR B 328 33.80 -11.24 39.19
N VAL B 329 34.95 -10.70 39.59
CA VAL B 329 35.10 -10.04 40.88
C VAL B 329 35.56 -8.60 40.64
N GLU B 330 35.03 -7.67 41.43
CA GLU B 330 35.35 -6.26 41.34
C GLU B 330 35.93 -5.82 42.67
N VAL B 331 37.23 -5.54 42.69
CA VAL B 331 37.95 -5.21 43.92
C VAL B 331 38.28 -3.73 43.94
N GLN B 332 38.40 -3.20 45.16
CA GLN B 332 38.77 -1.81 45.38
C GLN B 332 40.05 -1.76 46.21
N TYR B 333 41.07 -1.09 45.67
CA TYR B 333 42.40 -1.06 46.27
C TYR B 333 42.60 0.30 46.93
N ALA B 334 42.63 0.32 48.26
CA ALA B 334 42.71 1.56 49.02
C ALA B 334 44.11 2.14 49.11
N GLY B 335 45.13 1.41 48.68
CA GLY B 335 46.48 1.88 48.81
C GLY B 335 46.84 2.94 47.78
N THR B 336 47.85 3.73 48.11
CA THR B 336 48.38 4.74 47.21
C THR B 336 49.67 4.28 46.53
N ASP B 337 49.86 2.97 46.41
CA ASP B 337 50.92 2.43 45.57
C ASP B 337 50.73 2.90 44.13
N GLY B 338 51.85 3.00 43.41
CA GLY B 338 51.80 3.27 42.00
C GLY B 338 51.36 2.01 41.26
N PRO B 339 51.77 1.85 40.01
CA PRO B 339 51.43 0.61 39.30
C PRO B 339 52.02 -0.59 40.04
N CYS B 340 51.12 -1.46 40.52
CA CYS B 340 51.50 -2.66 41.25
C CYS B 340 50.76 -3.86 40.69
N LYS B 341 51.31 -5.05 40.94
CA LYS B 341 50.68 -6.27 40.47
C LYS B 341 49.61 -6.73 41.46
N VAL B 342 48.45 -7.11 40.92
CA VAL B 342 47.32 -7.54 41.74
C VAL B 342 47.57 -8.96 42.23
N PRO B 343 47.65 -9.20 43.54
CA PRO B 343 47.67 -10.59 44.01
C PRO B 343 46.30 -11.21 43.85
N ALA B 344 46.17 -12.13 42.89
CA ALA B 344 44.88 -12.75 42.58
C ALA B 344 45.13 -14.20 42.22
N GLN B 345 44.55 -15.11 43.00
CA GLN B 345 44.71 -16.53 42.76
C GLN B 345 43.54 -17.27 43.40
N MET B 346 43.47 -18.56 43.14
CA MET B 346 42.46 -19.43 43.74
C MET B 346 43.16 -20.63 44.35
N ALA B 347 42.72 -21.01 45.55
CA ALA B 347 43.32 -22.10 46.29
C ALA B 347 42.23 -22.92 46.95
N VAL B 348 42.50 -24.21 47.14
CA VAL B 348 41.56 -25.11 47.78
C VAL B 348 42.02 -25.36 49.21
N ASP B 349 43.33 -25.27 49.44
CA ASP B 349 43.93 -25.45 50.75
C ASP B 349 44.50 -24.11 51.21
N MET B 350 43.94 -23.54 52.28
CA MET B 350 44.37 -22.24 52.77
C MET B 350 45.75 -22.26 53.42
N GLN B 351 46.28 -23.46 53.70
CA GLN B 351 47.60 -23.54 54.32
C GLN B 351 48.71 -23.30 53.28
N THR B 352 48.70 -24.06 52.20
CA THR B 352 49.73 -23.96 51.17
C THR B 352 49.42 -22.91 50.12
N LEU B 353 48.15 -22.50 49.99
CA LEU B 353 47.73 -21.52 48.98
C LEU B 353 48.15 -21.97 47.58
N THR B 354 48.06 -23.26 47.32
CA THR B 354 48.45 -23.79 46.01
C THR B 354 47.48 -23.30 44.95
N PRO B 355 47.96 -22.69 43.87
CA PRO B 355 47.06 -22.13 42.85
C PRO B 355 46.26 -23.23 42.15
N VAL B 356 44.94 -23.12 42.21
CA VAL B 356 44.05 -23.97 41.45
C VAL B 356 43.30 -23.11 40.45
N GLY B 357 42.96 -23.71 39.31
CA GLY B 357 42.34 -22.92 38.26
C GLY B 357 43.34 -21.96 37.62
N ARG B 358 42.80 -20.96 36.95
CA ARG B 358 43.61 -19.96 36.27
C ARG B 358 42.87 -18.63 36.23
N LEU B 359 43.58 -17.59 35.85
CA LEU B 359 43.02 -16.26 35.68
C LEU B 359 42.72 -16.01 34.21
N ILE B 360 41.50 -15.53 33.92
CA ILE B 360 41.18 -15.14 32.56
C ILE B 360 41.76 -13.76 32.27
N THR B 361 41.64 -12.83 33.21
CA THR B 361 42.37 -11.56 33.17
C THR B 361 43.81 -11.84 33.57
N ALA B 362 44.57 -12.37 32.61
CA ALA B 362 45.91 -12.89 32.88
C ALA B 362 46.84 -11.78 33.37
N ASN B 363 47.52 -12.05 34.49
CA ASN B 363 48.47 -11.13 35.12
C ASN B 363 47.86 -9.75 35.31
N PRO B 364 46.89 -9.60 36.22
CA PRO B 364 46.26 -8.30 36.42
C PRO B 364 47.22 -7.31 37.06
N VAL B 365 47.09 -6.05 36.65
CA VAL B 365 48.00 -4.98 37.07
C VAL B 365 47.18 -3.72 37.37
N ILE B 366 47.40 -3.14 38.55
CA ILE B 366 46.88 -1.80 38.85
C ILE B 366 47.78 -0.77 38.21
N THR B 367 47.18 0.29 37.67
CA THR B 367 47.93 1.35 37.00
C THR B 367 47.70 2.74 37.61
N GLU B 368 46.80 2.86 38.58
CA GLU B 368 46.50 4.14 39.20
C GLU B 368 47.24 4.27 40.52
N SER B 369 47.77 5.46 40.78
CA SER B 369 48.51 5.75 42.00
C SER B 369 47.68 6.51 43.03
N THR B 370 46.37 6.64 42.79
CA THR B 370 45.46 7.26 43.73
C THR B 370 44.75 6.19 44.55
N GLU B 371 44.14 6.64 45.64
CA GLU B 371 43.46 5.75 46.57
C GLU B 371 42.12 5.27 46.00
N ASN B 372 41.69 4.09 46.45
CA ASN B 372 40.35 3.57 46.21
C ASN B 372 40.03 3.49 44.71
N SER B 373 40.82 2.68 44.01
CA SER B 373 40.60 2.42 42.60
C SER B 373 39.62 1.25 42.45
N LYS B 374 39.42 0.79 41.22
CA LYS B 374 38.56 -0.36 40.96
C LYS B 374 39.15 -1.19 39.84
N MET B 375 38.81 -2.48 39.82
CA MET B 375 39.30 -3.38 38.79
C MET B 375 38.42 -4.61 38.74
N MET B 376 38.05 -5.03 37.53
CA MET B 376 37.32 -6.27 37.31
C MET B 376 38.29 -7.39 36.98
N LEU B 377 38.01 -8.58 37.51
CA LEU B 377 38.85 -9.74 37.26
C LEU B 377 37.96 -10.92 36.91
N GLU B 378 38.32 -11.65 35.86
CA GLU B 378 37.64 -12.86 35.46
C GLU B 378 38.53 -14.06 35.76
N LEU B 379 37.98 -15.03 36.49
CA LEU B 379 38.72 -16.20 36.93
C LEU B 379 38.08 -17.46 36.37
N ASP B 380 38.92 -18.43 36.00
CA ASP B 380 38.45 -19.74 35.56
C ASP B 380 38.64 -20.73 36.70
N PRO B 381 37.63 -20.94 37.54
CA PRO B 381 37.82 -21.73 38.76
C PRO B 381 37.81 -23.22 38.44
N PRO B 382 38.32 -24.04 39.37
CA PRO B 382 38.15 -25.48 39.24
C PRO B 382 36.73 -25.91 39.58
N PHE B 383 36.44 -27.17 39.27
CA PHE B 383 35.12 -27.71 39.57
C PHE B 383 35.00 -28.00 41.07
N GLY B 384 33.80 -27.80 41.59
CA GLY B 384 33.55 -28.01 43.00
C GLY B 384 33.89 -26.81 43.87
N ASP B 385 34.26 -27.07 45.11
CA ASP B 385 34.53 -26.02 46.09
C ASP B 385 35.96 -25.51 45.98
N SER B 386 36.10 -24.18 46.01
CA SER B 386 37.41 -23.55 46.01
C SER B 386 37.25 -22.13 46.57
N TYR B 387 38.38 -21.47 46.77
CA TYR B 387 38.43 -20.15 47.39
C TYR B 387 39.01 -19.13 46.42
N ILE B 388 38.42 -17.95 46.39
CA ILE B 388 38.97 -16.82 45.63
C ILE B 388 39.84 -16.00 46.57
N VAL B 389 41.13 -15.90 46.24
CA VAL B 389 42.11 -15.24 47.09
C VAL B 389 42.58 -13.97 46.39
N ILE B 390 42.55 -12.85 47.11
CA ILE B 390 42.96 -11.55 46.58
C ILE B 390 43.69 -10.82 47.70
N GLY B 391 44.93 -10.42 47.43
CA GLY B 391 45.77 -9.75 48.41
C GLY B 391 46.87 -10.66 48.92
N VAL B 392 47.66 -10.10 49.84
CA VAL B 392 48.79 -10.80 50.44
C VAL B 392 48.76 -10.62 51.95
N GLY B 393 49.14 -11.67 52.68
CA GLY B 393 49.38 -11.52 54.10
C GLY B 393 48.10 -11.57 54.91
N GLU B 394 47.98 -10.61 55.84
CA GLU B 394 46.89 -10.62 56.81
C GLU B 394 45.57 -10.21 56.17
N LYS B 395 45.52 -9.00 55.60
CA LYS B 395 44.28 -8.40 55.16
C LYS B 395 43.90 -8.82 53.74
N LYS B 396 44.45 -9.91 53.23
CA LYS B 396 43.96 -10.48 51.99
C LYS B 396 42.57 -11.07 52.24
N ILE B 397 41.71 -10.98 51.23
CA ILE B 397 40.33 -11.43 51.36
C ILE B 397 40.18 -12.79 50.69
N THR B 398 39.26 -13.59 51.23
CA THR B 398 38.89 -14.85 50.62
C THR B 398 37.37 -14.89 50.44
N HIS B 399 36.94 -15.59 49.40
CA HIS B 399 35.51 -15.75 49.13
C HIS B 399 35.29 -17.13 48.55
N HIS B 400 34.47 -17.93 49.23
CA HIS B 400 34.25 -19.31 48.81
C HIS B 400 33.36 -19.36 47.57
N TRP B 401 33.74 -20.21 46.62
CA TRP B 401 33.01 -20.34 45.36
C TRP B 401 32.87 -21.81 45.00
N HIS B 402 31.65 -22.20 44.62
CA HIS B 402 31.38 -23.55 44.15
C HIS B 402 30.95 -23.49 42.68
N ARG B 403 31.56 -24.32 41.84
CA ARG B 403 31.27 -24.38 40.42
C ARG B 403 30.75 -25.77 40.07
N SER B 404 29.69 -25.82 39.28
CA SER B 404 29.12 -27.09 38.84
C SER B 404 30.01 -27.75 37.80
N GLU C 1 -24.11 0.90 14.94
CA GLU C 1 -24.37 2.27 15.37
C GLU C 1 -24.28 3.24 14.20
N VAL C 2 -25.44 3.75 13.78
CA VAL C 2 -25.53 4.71 12.68
C VAL C 2 -26.18 5.98 13.21
N GLN C 3 -25.76 7.13 12.67
CA GLN C 3 -26.31 8.41 13.10
C GLN C 3 -25.99 9.47 12.05
N LEU C 4 -26.91 10.40 11.87
CA LEU C 4 -26.75 11.53 10.96
C LEU C 4 -27.16 12.80 11.69
N VAL C 5 -26.31 13.82 11.66
CA VAL C 5 -26.54 15.06 12.38
C VAL C 5 -26.66 16.18 11.37
N GLU C 6 -27.86 16.73 11.23
CA GLU C 6 -28.08 17.90 10.40
C GLU C 6 -27.74 19.17 11.14
N SER C 7 -27.21 20.15 10.40
CA SER C 7 -26.81 21.42 10.99
C SER C 7 -26.65 22.45 9.89
N GLY C 8 -26.64 23.71 10.29
CA GLY C 8 -26.51 24.81 9.36
C GLY C 8 -27.79 25.53 9.02
N GLY C 9 -28.85 25.36 9.80
CA GLY C 9 -30.12 25.98 9.48
C GLY C 9 -30.69 26.84 10.59
N GLY C 10 -31.03 28.09 10.26
CA GLY C 10 -31.65 29.00 11.19
C GLY C 10 -32.81 29.75 10.57
N VAL C 11 -32.81 31.07 10.68
CA VAL C 11 -33.80 31.92 10.03
C VAL C 11 -33.07 32.75 8.98
N VAL C 12 -33.64 32.81 7.78
CA VAL C 12 -33.02 33.46 6.64
C VAL C 12 -34.07 34.28 5.90
N GLN C 13 -33.60 35.30 5.15
CA GLN C 13 -34.45 36.16 4.34
C GLN C 13 -34.56 35.63 2.91
N PRO C 14 -35.66 35.93 2.22
CA PRO C 14 -35.80 35.47 0.84
C PRO C 14 -34.80 36.15 -0.09
N GLY C 15 -34.56 35.50 -1.23
CA GLY C 15 -33.60 35.97 -2.20
C GLY C 15 -32.15 35.66 -1.87
N ARG C 16 -31.81 35.44 -0.61
CA ARG C 16 -30.46 35.15 -0.20
C ARG C 16 -30.20 33.64 -0.32
N SER C 17 -29.06 33.19 0.20
CA SER C 17 -28.64 31.81 0.07
C SER C 17 -28.50 31.16 1.45
N LEU C 18 -28.13 29.88 1.44
CA LEU C 18 -27.94 29.08 2.63
C LEU C 18 -27.26 27.77 2.23
N ARG C 19 -26.39 27.27 3.09
CA ARG C 19 -25.74 25.98 2.87
C ARG C 19 -25.95 25.11 4.10
N LEU C 20 -26.51 23.92 3.89
CA LEU C 20 -26.73 22.96 4.97
C LEU C 20 -25.59 21.94 4.99
N SER C 21 -25.58 21.13 6.03
CA SER C 21 -24.57 20.09 6.19
C SER C 21 -25.15 18.93 6.96
N CYS C 22 -24.76 17.72 6.58
CA CYS C 22 -25.19 16.49 7.22
C CYS C 22 -23.96 15.68 7.59
N ALA C 23 -23.71 15.53 8.89
CA ALA C 23 -22.54 14.81 9.38
C ALA C 23 -22.88 13.32 9.48
N ALA C 24 -22.15 12.49 8.74
CA ALA C 24 -22.39 11.06 8.70
C ALA C 24 -21.33 10.33 9.50
N SER C 25 -21.73 9.25 10.15
CA SER C 25 -20.83 8.45 10.96
C SER C 25 -21.49 7.11 11.26
N GLY C 26 -20.66 6.07 11.36
CA GLY C 26 -21.14 4.73 11.61
C GLY C 26 -21.25 3.84 10.37
N PHE C 27 -20.93 4.37 9.20
CA PHE C 27 -20.97 3.60 7.97
C PHE C 27 -20.01 4.24 6.97
N THR C 28 -19.67 3.46 5.94
CA THR C 28 -18.78 3.98 4.89
C THR C 28 -19.57 4.98 4.06
N PHE C 29 -19.35 6.27 4.31
CA PHE C 29 -20.12 7.31 3.63
C PHE C 29 -19.89 7.29 2.13
N SER C 30 -18.65 7.02 1.71
CA SER C 30 -18.31 7.00 0.29
C SER C 30 -18.94 5.83 -0.46
N SER C 31 -19.61 4.92 0.25
CA SER C 31 -20.19 3.74 -0.39
C SER C 31 -21.68 3.86 -0.67
N TYR C 32 -22.37 4.78 -0.01
CA TYR C 32 -23.83 4.89 -0.07
C TYR C 32 -24.26 6.20 -0.69
N ALA C 33 -25.28 6.14 -1.54
CA ALA C 33 -25.94 7.34 -2.02
C ALA C 33 -26.76 7.98 -0.89
N MET C 34 -26.99 9.28 -1.00
CA MET C 34 -27.62 10.04 0.07
C MET C 34 -28.66 10.98 -0.51
N HIS C 35 -29.68 11.26 0.30
CA HIS C 35 -30.84 12.04 -0.13
C HIS C 35 -31.05 13.22 0.80
N TRP C 36 -31.84 14.19 0.33
CA TRP C 36 -32.39 15.26 1.15
C TRP C 36 -33.90 15.20 1.08
N VAL C 37 -34.56 15.29 2.23
CA VAL C 37 -36.02 15.31 2.31
C VAL C 37 -36.43 16.36 3.33
N ARG C 38 -37.23 17.32 2.89
CA ARG C 38 -37.74 18.38 3.75
C ARG C 38 -39.22 18.17 4.01
N GLN C 39 -39.69 18.71 5.14
CA GLN C 39 -41.10 18.62 5.51
C GLN C 39 -41.55 19.95 6.10
N ALA C 40 -42.47 20.61 5.41
CA ALA C 40 -43.06 21.82 5.97
C ALA C 40 -43.83 21.49 7.24
N PRO C 41 -43.97 22.45 8.16
CA PRO C 41 -44.67 22.16 9.42
C PRO C 41 -46.12 21.76 9.18
N GLY C 42 -46.47 20.57 9.66
CA GLY C 42 -47.81 20.05 9.50
C GLY C 42 -48.17 19.68 8.08
N LYS C 43 -47.19 19.40 7.24
CA LYS C 43 -47.40 19.04 5.84
C LYS C 43 -46.85 17.64 5.57
N GLY C 44 -46.89 17.24 4.30
CA GLY C 44 -46.35 15.96 3.90
C GLY C 44 -44.87 16.02 3.58
N LEU C 45 -44.29 14.86 3.31
CA LEU C 45 -42.87 14.76 3.00
C LEU C 45 -42.64 15.12 1.53
N GLU C 46 -41.49 15.76 1.27
CA GLU C 46 -41.12 16.17 -0.08
C GLU C 46 -39.66 15.81 -0.31
N TRP C 47 -39.40 14.89 -1.23
CA TRP C 47 -38.04 14.57 -1.61
C TRP C 47 -37.42 15.73 -2.35
N VAL C 48 -36.14 16.00 -2.09
CA VAL C 48 -35.45 17.18 -2.63
C VAL C 48 -34.35 16.79 -3.61
N ALA C 49 -33.37 16.01 -3.17
CA ALA C 49 -32.20 15.73 -3.99
C ALA C 49 -31.65 14.35 -3.68
N VAL C 50 -30.72 13.91 -4.54
CA VAL C 50 -30.01 12.65 -4.34
C VAL C 50 -28.64 12.78 -4.99
N ILE C 51 -27.64 12.16 -4.38
CA ILE C 51 -26.28 12.13 -4.91
C ILE C 51 -25.71 10.73 -4.71
N SER C 52 -25.03 10.21 -5.74
CA SER C 52 -24.54 8.84 -5.72
C SER C 52 -23.27 8.75 -4.88
N TYR C 53 -22.70 7.54 -4.84
CA TYR C 53 -21.53 7.30 -3.98
C TYR C 53 -20.32 8.12 -4.43
N ASP C 54 -20.07 8.18 -5.74
CA ASP C 54 -18.96 8.96 -6.27
C ASP C 54 -19.37 10.35 -6.71
N GLY C 55 -20.58 10.78 -6.37
CA GLY C 55 -21.01 12.13 -6.67
C GLY C 55 -21.18 12.45 -8.14
N SER C 56 -21.27 11.43 -9.00
CA SER C 56 -21.38 11.65 -10.43
C SER C 56 -22.81 11.90 -10.89
N ASN C 57 -23.80 11.30 -10.22
CA ASN C 57 -25.20 11.41 -10.61
C ASN C 57 -25.94 12.23 -9.57
N LYS C 58 -26.72 13.22 -10.03
CA LYS C 58 -27.52 14.05 -9.16
C LYS C 58 -28.90 14.25 -9.78
N TYR C 59 -29.93 14.16 -8.95
CA TYR C 59 -31.30 14.39 -9.37
C TYR C 59 -32.00 15.28 -8.34
N TYR C 60 -32.79 16.22 -8.83
CA TYR C 60 -33.48 17.17 -7.96
C TYR C 60 -34.97 17.14 -8.25
N ALA C 61 -35.76 17.53 -7.23
CA ALA C 61 -37.18 17.72 -7.43
C ALA C 61 -37.44 18.90 -8.35
N ASP C 62 -38.56 18.83 -9.07
CA ASP C 62 -38.85 19.85 -10.09
C ASP C 62 -38.96 21.24 -9.49
N SER C 63 -39.31 21.35 -8.21
CA SER C 63 -39.46 22.65 -7.58
C SER C 63 -38.13 23.35 -7.33
N VAL C 64 -37.03 22.60 -7.23
CA VAL C 64 -35.73 23.15 -6.87
C VAL C 64 -34.71 23.01 -7.99
N LYS C 65 -35.13 22.57 -9.18
CA LYS C 65 -34.19 22.36 -10.28
C LYS C 65 -33.48 23.66 -10.65
N GLY C 66 -32.16 23.61 -10.69
CA GLY C 66 -31.34 24.77 -11.00
C GLY C 66 -31.11 25.72 -9.84
N ARG C 67 -31.91 25.65 -8.79
CA ARG C 67 -31.75 26.53 -7.63
C ARG C 67 -31.00 25.90 -6.49
N PHE C 68 -31.17 24.60 -6.26
CA PHE C 68 -30.39 23.86 -5.28
C PHE C 68 -29.24 23.12 -5.97
N THR C 69 -28.31 22.63 -5.17
CA THR C 69 -27.18 21.86 -5.68
C THR C 69 -26.67 20.96 -4.58
N ILE C 70 -26.76 19.65 -4.80
CA ILE C 70 -26.28 18.67 -3.82
C ILE C 70 -24.82 18.37 -4.10
N SER C 71 -24.06 18.13 -3.03
CA SER C 71 -22.64 17.83 -3.15
C SER C 71 -22.20 17.07 -1.90
N ARG C 72 -21.04 16.44 -2.00
CA ARG C 72 -20.52 15.62 -0.90
C ARG C 72 -19.00 15.57 -0.97
N ASP C 73 -18.38 15.47 0.19
CA ASP C 73 -16.94 15.30 0.34
C ASP C 73 -16.71 13.96 1.04
N ASN C 74 -16.44 12.91 0.25
CA ASN C 74 -16.29 11.57 0.81
C ASN C 74 -15.12 11.46 1.76
N SER C 75 -14.15 12.37 1.68
CA SER C 75 -13.00 12.32 2.57
C SER C 75 -13.43 12.56 4.02
N LYS C 76 -14.15 13.65 4.27
CA LYS C 76 -14.59 13.99 5.61
C LYS C 76 -15.97 13.43 5.95
N SER C 77 -16.58 12.68 5.03
CA SER C 77 -17.86 12.00 5.27
C SER C 77 -18.95 12.99 5.65
N THR C 78 -19.08 14.05 4.86
CA THR C 78 -20.10 15.07 5.06
C THR C 78 -20.89 15.27 3.77
N LEU C 79 -22.07 15.86 3.92
CA LEU C 79 -22.99 16.07 2.81
C LEU C 79 -23.36 17.55 2.78
N TYR C 80 -23.27 18.16 1.62
CA TYR C 80 -23.58 19.58 1.44
C TYR C 80 -24.79 19.76 0.55
N LEU C 81 -25.62 20.76 0.87
CA LEU C 81 -26.73 21.16 0.03
C LEU C 81 -26.73 22.68 -0.06
N GLN C 82 -26.46 23.21 -1.25
CA GLN C 82 -26.36 24.65 -1.48
C GLN C 82 -27.70 25.15 -1.98
N MET C 83 -28.46 25.79 -1.10
CA MET C 83 -29.76 26.35 -1.45
C MET C 83 -29.62 27.87 -1.56
N ASN C 84 -29.77 28.39 -2.78
CA ASN C 84 -29.72 29.82 -3.02
C ASN C 84 -30.97 30.25 -3.77
N ASN C 85 -31.21 31.56 -3.77
CA ASN C 85 -32.40 32.17 -4.39
C ASN C 85 -33.67 31.56 -3.77
N LEU C 86 -33.76 31.68 -2.45
CA LEU C 86 -34.81 31.03 -1.70
C LEU C 86 -36.15 31.75 -1.87
N ARG C 87 -37.20 31.11 -1.37
CA ARG C 87 -38.54 31.67 -1.37
C ARG C 87 -39.18 31.41 -0.01
N ALA C 88 -40.35 32.03 0.21
CA ALA C 88 -41.05 31.85 1.47
C ALA C 88 -41.60 30.44 1.64
N GLU C 89 -41.86 29.73 0.54
CA GLU C 89 -42.42 28.39 0.60
C GLU C 89 -41.39 27.33 0.99
N ASP C 90 -40.09 27.65 0.94
CA ASP C 90 -39.05 26.69 1.24
C ASP C 90 -38.88 26.45 2.73
N THR C 91 -39.64 27.12 3.59
CA THR C 91 -39.55 26.91 5.02
C THR C 91 -39.99 25.50 5.37
N ALA C 92 -39.08 24.72 5.96
CA ALA C 92 -39.36 23.33 6.29
C ALA C 92 -38.26 22.82 7.22
N VAL C 93 -38.51 21.64 7.79
CA VAL C 93 -37.52 20.92 8.58
C VAL C 93 -36.83 19.92 7.66
N TYR C 94 -35.53 20.13 7.44
CA TYR C 94 -34.80 19.39 6.42
C TYR C 94 -34.07 18.20 7.04
N TYR C 95 -34.29 17.02 6.48
CA TYR C 95 -33.64 15.80 6.91
C TYR C 95 -32.70 15.30 5.81
N CYS C 96 -31.54 14.80 6.21
CA CYS C 96 -30.71 14.00 5.32
C CYS C 96 -30.97 12.53 5.58
N ALA C 97 -30.93 11.73 4.53
CA ALA C 97 -31.27 10.32 4.63
C ALA C 97 -30.25 9.46 3.90
N ARG C 98 -29.93 8.33 4.50
CA ARG C 98 -29.03 7.34 3.91
C ARG C 98 -29.83 6.40 3.02
N ASP C 99 -29.30 6.13 1.83
CA ASP C 99 -29.95 5.22 0.90
C ASP C 99 -29.23 3.88 0.91
N HIS C 100 -30.03 2.80 0.91
CA HIS C 100 -29.48 1.45 0.99
C HIS C 100 -28.51 1.15 -0.15
N LEU C 101 -28.55 1.92 -1.24
CA LEU C 101 -27.70 1.69 -2.39
C LEU C 101 -26.80 2.88 -2.63
N GLY C 102 -25.74 2.65 -3.40
CA GLY C 102 -24.84 3.70 -3.82
C GLY C 102 -25.15 4.31 -5.17
N TRP C 103 -26.24 3.87 -5.81
CA TRP C 103 -26.64 4.33 -7.14
C TRP C 103 -25.49 4.18 -8.14
N SER C 104 -25.04 2.93 -8.28
CA SER C 104 -23.96 2.60 -9.20
C SER C 104 -24.44 1.72 -10.36
N SER C 105 -25.74 1.72 -10.65
CA SER C 105 -26.26 0.86 -11.71
C SER C 105 -27.56 1.48 -12.24
N ILE C 106 -28.03 0.92 -13.36
CA ILE C 106 -29.31 1.34 -13.91
C ILE C 106 -30.46 0.89 -13.01
N TRP C 107 -30.26 -0.18 -12.26
CA TRP C 107 -31.30 -0.77 -11.43
C TRP C 107 -31.22 -0.32 -9.98
N SER C 108 -30.45 0.73 -9.70
CA SER C 108 -30.32 1.24 -8.34
C SER C 108 -31.48 2.16 -7.98
N ALA C 109 -31.77 3.12 -8.84
CA ALA C 109 -32.91 4.01 -8.62
C ALA C 109 -34.23 3.26 -8.40
N PRO C 110 -34.58 2.24 -9.18
CA PRO C 110 -35.82 1.50 -8.86
C PRO C 110 -35.77 0.81 -7.51
N GLU C 111 -34.68 0.11 -7.21
CA GLU C 111 -34.53 -0.59 -5.94
C GLU C 111 -34.28 0.35 -4.76
N SER C 112 -34.20 1.66 -4.99
CA SER C 112 -33.77 2.57 -3.95
C SER C 112 -34.85 2.76 -2.89
N PHE C 113 -34.42 2.88 -1.64
CA PHE C 113 -35.28 3.28 -0.53
C PHE C 113 -34.41 3.90 0.54
N LEU C 114 -34.97 4.85 1.28
CA LEU C 114 -34.19 5.63 2.23
C LEU C 114 -34.04 4.82 3.53
N ASP C 115 -32.79 4.48 3.86
CA ASP C 115 -32.54 3.52 4.93
C ASP C 115 -32.62 4.16 6.31
N TYR C 116 -31.78 5.17 6.57
CA TYR C 116 -31.71 5.83 7.86
C TYR C 116 -31.93 7.33 7.71
N TRP C 117 -32.72 7.89 8.61
CA TRP C 117 -33.04 9.31 8.61
C TRP C 117 -32.30 10.03 9.74
N GLY C 118 -32.12 11.33 9.55
CA GLY C 118 -31.50 12.17 10.56
C GLY C 118 -32.48 12.62 11.62
N GLN C 119 -32.39 13.90 12.00
CA GLN C 119 -33.32 14.49 12.97
C GLN C 119 -33.93 15.81 12.54
N GLY C 120 -33.33 16.52 11.59
CA GLY C 120 -33.91 17.73 11.06
C GLY C 120 -33.12 18.97 11.42
N THR C 121 -33.39 20.05 10.68
CA THR C 121 -32.77 21.34 10.93
C THR C 121 -33.74 22.41 10.42
N LEU C 122 -34.39 23.11 11.34
CA LEU C 122 -35.47 24.03 10.98
C LEU C 122 -34.91 25.23 10.23
N VAL C 123 -35.15 25.27 8.92
CA VAL C 123 -34.85 26.42 8.09
C VAL C 123 -36.13 27.22 7.89
N THR C 124 -36.05 28.53 8.12
CA THR C 124 -37.21 29.40 8.06
C THR C 124 -36.91 30.60 7.19
N VAL C 125 -37.83 30.92 6.28
CA VAL C 125 -37.72 32.07 5.40
C VAL C 125 -38.78 33.08 5.80
N SER C 126 -38.35 34.17 6.44
CA SER C 126 -39.24 35.23 6.88
C SER C 126 -38.92 36.52 6.16
N SER C 127 -39.92 37.40 6.06
CA SER C 127 -39.74 38.68 5.40
C SER C 127 -40.74 39.71 5.94
N GLN D 1 -53.20 15.38 -7.02
CA GLN D 1 -52.76 16.41 -6.08
C GLN D 1 -51.30 16.18 -5.71
N SER D 2 -50.81 14.98 -5.99
CA SER D 2 -49.41 14.62 -5.82
C SER D 2 -49.13 13.39 -6.66
N VAL D 3 -47.85 13.17 -6.97
CA VAL D 3 -47.45 12.09 -7.87
C VAL D 3 -47.99 10.75 -7.37
N LEU D 4 -48.00 10.55 -6.05
CA LEU D 4 -48.65 9.40 -5.44
C LEU D 4 -49.72 9.89 -4.47
N THR D 5 -50.86 9.21 -4.46
CA THR D 5 -52.01 9.64 -3.68
C THR D 5 -52.44 8.53 -2.74
N GLN D 6 -52.39 8.81 -1.44
CA GLN D 6 -52.96 7.96 -0.41
C GLN D 6 -53.98 8.77 0.37
N PRO D 7 -54.92 8.13 1.06
CA PRO D 7 -55.95 8.87 1.79
C PRO D 7 -55.34 9.77 2.85
N PRO D 8 -55.89 10.96 3.06
CA PRO D 8 -55.30 11.88 4.04
C PRO D 8 -55.49 11.44 5.48
N SER D 9 -56.58 10.72 5.77
CA SER D 9 -56.88 10.34 7.14
C SER D 9 -57.61 9.00 7.16
N VAL D 10 -57.10 8.06 7.94
CA VAL D 10 -57.79 6.81 8.22
C VAL D 10 -57.71 6.57 9.72
N SER D 11 -58.74 5.91 10.25
CA SER D 11 -58.84 5.68 11.69
C SER D 11 -59.39 4.29 11.94
N ALA D 12 -58.80 3.60 12.90
CA ALA D 12 -59.24 2.26 13.28
C ALA D 12 -59.25 2.13 14.80
N ALA D 13 -60.13 1.28 15.29
CA ALA D 13 -60.18 1.01 16.72
C ALA D 13 -58.96 0.20 17.14
N PRO D 14 -58.41 0.47 18.33
CA PRO D 14 -57.25 -0.30 18.79
C PRO D 14 -57.54 -1.79 18.82
N GLY D 15 -56.56 -2.57 18.39
CA GLY D 15 -56.73 -4.02 18.30
C GLY D 15 -57.50 -4.48 17.09
N GLN D 16 -57.37 -3.79 15.96
CA GLN D 16 -58.12 -4.13 14.76
C GLN D 16 -57.25 -3.91 13.53
N LYS D 17 -57.55 -4.67 12.48
CA LYS D 17 -56.77 -4.63 11.23
C LYS D 17 -57.14 -3.38 10.43
N VAL D 18 -56.13 -2.57 10.12
CA VAL D 18 -56.32 -1.38 9.29
C VAL D 18 -55.34 -1.46 8.12
N THR D 19 -55.76 -0.97 6.97
CA THR D 19 -54.94 -0.96 5.75
C THR D 19 -54.89 0.44 5.18
N ILE D 20 -53.73 0.78 4.61
CA ILE D 20 -53.51 2.06 3.94
C ILE D 20 -52.89 1.77 2.59
N SER D 21 -53.37 2.46 1.55
CA SER D 21 -52.94 2.19 0.19
C SER D 21 -52.66 3.49 -0.55
N CYS D 22 -51.58 3.48 -1.33
CA CYS D 22 -51.25 4.57 -2.25
C CYS D 22 -51.13 4.01 -3.65
N SER D 23 -51.62 4.76 -4.64
CA SER D 23 -51.63 4.32 -6.03
C SER D 23 -50.89 5.33 -6.90
N GLY D 24 -50.17 4.83 -7.89
CA GLY D 24 -49.41 5.65 -8.80
C GLY D 24 -49.64 5.24 -10.24
N SER D 25 -48.56 5.24 -11.01
CA SER D 25 -48.59 4.89 -12.43
C SER D 25 -47.66 3.69 -12.68
N SER D 26 -47.59 3.30 -13.95
CA SER D 26 -46.69 2.21 -14.33
C SER D 26 -45.23 2.60 -14.27
N SER D 27 -44.91 3.88 -14.06
CA SER D 27 -43.53 4.33 -14.01
C SER D 27 -42.96 4.40 -12.60
N ASN D 28 -43.79 4.41 -11.56
CA ASN D 28 -43.30 4.49 -10.19
C ASN D 28 -43.57 3.24 -9.38
N ILE D 29 -44.82 2.79 -9.30
CA ILE D 29 -45.18 1.66 -8.45
C ILE D 29 -45.23 0.38 -9.27
N GLY D 30 -45.51 0.52 -10.56
CA GLY D 30 -45.67 -0.66 -11.40
C GLY D 30 -44.45 -1.56 -11.40
N ASN D 31 -43.27 -0.98 -11.60
CA ASN D 31 -42.02 -1.73 -11.71
C ASN D 31 -41.08 -1.53 -10.54
N ASN D 32 -40.97 -0.31 -10.02
CA ASN D 32 -39.97 -0.02 -9.01
C ASN D 32 -40.44 -0.48 -7.62
N TYR D 33 -39.51 -0.43 -6.66
CA TYR D 33 -39.74 -0.95 -5.33
C TYR D 33 -40.39 0.11 -4.44
N VAL D 34 -41.51 -0.25 -3.82
CA VAL D 34 -42.26 0.65 -2.96
C VAL D 34 -41.74 0.53 -1.52
N SER D 35 -41.62 1.66 -0.85
CA SER D 35 -41.18 1.70 0.54
C SER D 35 -42.13 2.54 1.38
N TRP D 36 -42.22 2.20 2.66
CA TRP D 36 -43.10 2.88 3.60
C TRP D 36 -42.28 3.49 4.72
N TYR D 37 -42.84 4.53 5.34
CA TYR D 37 -42.16 5.27 6.39
C TYR D 37 -43.17 5.73 7.43
N GLN D 38 -42.85 5.51 8.71
CA GLN D 38 -43.70 5.88 9.83
C GLN D 38 -43.09 7.08 10.53
N GLN D 39 -43.85 8.17 10.65
CA GLN D 39 -43.41 9.39 11.32
C GLN D 39 -44.29 9.60 12.55
N LEU D 40 -43.81 9.13 13.70
CA LEU D 40 -44.53 9.36 14.95
C LEU D 40 -44.61 10.86 15.25
N PRO D 41 -45.60 11.29 16.02
CA PRO D 41 -45.81 12.75 16.21
C PRO D 41 -44.58 13.43 16.77
N GLY D 42 -44.13 14.46 16.06
CA GLY D 42 -42.96 15.22 16.48
C GLY D 42 -41.68 14.40 16.51
N THR D 43 -41.50 13.52 15.54
CA THR D 43 -40.33 12.66 15.47
C THR D 43 -39.80 12.69 14.03
N ALA D 44 -38.67 12.00 13.82
CA ALA D 44 -38.09 11.84 12.49
C ALA D 44 -38.69 10.63 11.79
N PRO D 45 -38.76 10.66 10.46
CA PRO D 45 -39.31 9.51 9.72
C PRO D 45 -38.54 8.22 10.05
N LYS D 46 -39.24 7.10 9.92
CA LYS D 46 -38.72 5.80 10.32
C LYS D 46 -39.06 4.78 9.25
N LEU D 47 -38.04 4.17 8.65
CA LEU D 47 -38.23 3.19 7.60
C LEU D 47 -39.06 2.01 8.11
N LEU D 48 -40.26 1.85 7.54
CA LEU D 48 -41.22 0.85 7.99
C LEU D 48 -41.20 -0.42 7.15
N ILE D 49 -41.28 -0.28 5.83
CA ILE D 49 -41.34 -1.43 4.91
C ILE D 49 -40.47 -1.13 3.71
N TYR D 50 -39.61 -2.08 3.33
CA TYR D 50 -38.79 -1.96 2.15
C TYR D 50 -39.00 -3.16 1.23
N ASP D 51 -38.63 -2.97 -0.03
CA ASP D 51 -38.78 -3.94 -1.12
C ASP D 51 -40.23 -4.39 -1.29
N SER D 52 -41.16 -3.65 -0.71
CA SER D 52 -42.61 -3.69 -0.89
C SER D 52 -43.26 -4.90 -0.22
N ASN D 53 -42.48 -5.83 0.35
CA ASN D 53 -43.03 -6.87 1.19
C ASN D 53 -42.22 -7.17 2.44
N LYS D 54 -41.15 -6.43 2.73
CA LYS D 54 -40.16 -6.86 3.72
C LYS D 54 -40.14 -5.89 4.90
N ARG D 55 -39.95 -6.45 6.10
CA ARG D 55 -39.84 -5.67 7.33
C ARG D 55 -38.38 -5.54 7.73
N PRO D 56 -37.89 -4.33 8.00
CA PRO D 56 -36.57 -4.19 8.63
C PRO D 56 -36.54 -4.85 10.00
N SER D 57 -35.36 -5.27 10.41
CA SER D 57 -35.19 -5.92 11.71
C SER D 57 -35.59 -4.96 12.83
N GLY D 58 -36.52 -5.42 13.68
CA GLY D 58 -37.05 -4.63 14.78
C GLY D 58 -38.53 -4.32 14.63
N ILE D 59 -39.01 -4.18 13.39
CA ILE D 59 -40.43 -3.92 13.15
C ILE D 59 -41.21 -5.21 13.37
N PRO D 60 -42.20 -5.21 14.25
CA PRO D 60 -42.94 -6.44 14.53
C PRO D 60 -43.79 -6.88 13.35
N ASP D 61 -44.20 -8.15 13.39
CA ASP D 61 -45.03 -8.71 12.34
C ASP D 61 -46.45 -8.16 12.34
N ARG D 62 -46.78 -7.22 13.23
CA ARG D 62 -48.05 -6.51 13.13
C ARG D 62 -48.14 -5.74 11.82
N PHE D 63 -47.00 -5.28 11.30
CA PHE D 63 -46.95 -4.56 10.04
C PHE D 63 -46.69 -5.52 8.89
N SER D 64 -47.26 -5.20 7.74
CA SER D 64 -47.08 -6.02 6.55
C SER D 64 -47.22 -5.15 5.31
N GLY D 65 -46.34 -5.36 4.34
CA GLY D 65 -46.34 -4.62 3.10
C GLY D 65 -46.74 -5.50 1.94
N SER D 66 -47.62 -4.98 1.09
CA SER D 66 -48.07 -5.70 -0.10
C SER D 66 -47.96 -4.77 -1.31
N LYS D 67 -48.12 -5.37 -2.50
CA LYS D 67 -48.05 -4.60 -3.73
C LYS D 67 -48.76 -5.40 -4.82
N SER D 68 -49.83 -4.86 -5.36
CA SER D 68 -50.61 -5.53 -6.40
C SER D 68 -51.01 -4.51 -7.45
N GLY D 69 -50.59 -4.74 -8.69
CA GLY D 69 -50.91 -3.81 -9.76
C GLY D 69 -50.02 -2.59 -9.68
N THR D 70 -50.65 -1.41 -9.77
CA THR D 70 -49.95 -0.13 -9.64
C THR D 70 -50.28 0.58 -8.33
N SER D 71 -50.52 -0.19 -7.27
CA SER D 71 -50.92 0.38 -5.99
C SER D 71 -50.52 -0.58 -4.88
N ALA D 72 -49.63 -0.12 -4.00
CA ALA D 72 -49.18 -0.90 -2.86
C ALA D 72 -50.00 -0.54 -1.62
N THR D 73 -50.21 -1.53 -0.76
CA THR D 73 -51.00 -1.35 0.46
C THR D 73 -50.15 -1.68 1.67
N LEU D 74 -50.34 -0.92 2.74
CA LEU D 74 -49.74 -1.21 4.03
C LEU D 74 -50.74 -1.96 4.91
N GLY D 75 -50.22 -2.81 5.77
CA GLY D 75 -51.07 -3.60 6.66
C GLY D 75 -50.65 -3.45 8.11
N ILE D 76 -51.64 -3.31 8.98
CA ILE D 76 -51.44 -3.25 10.42
C ILE D 76 -52.46 -4.18 11.06
N THR D 77 -52.03 -5.39 11.40
CA THR D 77 -52.89 -6.38 12.05
C THR D 77 -52.81 -6.21 13.56
N GLY D 78 -53.95 -5.99 14.20
CA GLY D 78 -53.96 -5.78 15.64
C GLY D 78 -53.34 -4.45 16.06
N LEU D 79 -53.98 -3.36 15.67
CA LEU D 79 -53.46 -2.03 15.96
C LEU D 79 -53.31 -1.81 17.46
N GLN D 80 -52.34 -0.96 17.81
CA GLN D 80 -52.08 -0.58 19.20
C GLN D 80 -51.98 0.92 19.29
N THR D 81 -52.18 1.44 20.51
CA THR D 81 -52.16 2.88 20.72
C THR D 81 -50.80 3.52 20.43
N GLY D 82 -49.75 2.72 20.30
CA GLY D 82 -48.44 3.26 19.95
C GLY D 82 -48.17 3.42 18.48
N ASP D 83 -49.17 3.15 17.63
CA ASP D 83 -48.99 3.25 16.19
C ASP D 83 -49.60 4.50 15.57
N GLU D 84 -50.34 5.30 16.35
CA GLU D 84 -50.89 6.55 15.84
C GLU D 84 -49.78 7.45 15.34
N ALA D 85 -49.75 7.71 14.05
CA ALA D 85 -48.68 8.49 13.42
C ALA D 85 -49.10 8.81 11.99
N ASP D 86 -48.22 9.49 11.27
CA ASP D 86 -48.39 9.72 9.85
C ASP D 86 -47.61 8.66 9.08
N TYR D 87 -48.21 8.15 8.01
CA TYR D 87 -47.64 7.08 7.22
C TYR D 87 -47.49 7.52 5.78
N TYR D 88 -46.29 7.38 5.22
CA TYR D 88 -45.98 7.84 3.88
C TYR D 88 -45.46 6.67 3.05
N CYS D 89 -45.88 6.62 1.79
CA CYS D 89 -45.31 5.71 0.80
C CYS D 89 -44.48 6.51 -0.20
N GLY D 90 -43.61 5.81 -0.91
CA GLY D 90 -42.75 6.48 -1.86
C GLY D 90 -41.88 5.49 -2.60
N THR D 91 -41.42 5.93 -3.78
CA THR D 91 -40.58 5.13 -4.65
C THR D 91 -40.05 6.05 -5.75
N TRP D 92 -39.23 5.47 -6.63
CA TRP D 92 -38.62 6.21 -7.73
C TRP D 92 -39.56 6.22 -8.94
N ASP D 93 -39.74 7.39 -9.52
CA ASP D 93 -40.54 7.56 -10.74
C ASP D 93 -39.60 7.56 -11.94
N SER D 94 -39.76 6.58 -12.82
CA SER D 94 -38.84 6.42 -13.94
C SER D 94 -39.12 7.43 -15.06
N SER D 95 -40.39 7.81 -15.25
CA SER D 95 -40.72 8.78 -16.29
C SER D 95 -40.38 10.19 -15.86
N LEU D 96 -40.42 10.47 -14.56
CA LEU D 96 -40.07 11.79 -14.04
C LEU D 96 -38.60 11.92 -13.69
N SER D 97 -37.89 10.81 -13.52
CA SER D 97 -36.51 10.82 -13.02
C SER D 97 -36.41 11.59 -11.71
N VAL D 98 -37.39 11.39 -10.84
CA VAL D 98 -37.50 12.11 -9.58
C VAL D 98 -38.12 11.19 -8.54
N TRP D 99 -37.45 11.05 -7.40
CA TRP D 99 -38.00 10.29 -6.29
C TRP D 99 -39.19 11.05 -5.71
N VAL D 100 -40.27 10.32 -5.41
CA VAL D 100 -41.51 10.95 -4.99
C VAL D 100 -42.04 10.28 -3.73
N PHE D 101 -42.72 11.07 -2.91
CA PHE D 101 -43.39 10.60 -1.71
C PHE D 101 -44.90 10.60 -1.91
N GLY D 102 -45.60 9.92 -1.01
CA GLY D 102 -47.03 9.97 -0.98
C GLY D 102 -47.54 11.16 -0.18
N GLY D 103 -48.85 11.38 -0.27
CA GLY D 103 -49.44 12.50 0.45
C GLY D 103 -49.39 12.36 1.95
N GLY D 104 -49.43 11.13 2.45
CA GLY D 104 -49.42 10.86 3.87
C GLY D 104 -50.81 10.49 4.37
N THR D 105 -50.82 9.79 5.51
CA THR D 105 -52.07 9.28 6.08
C THR D 105 -51.91 9.24 7.59
N LYS D 106 -52.58 10.16 8.29
CA LYS D 106 -52.52 10.20 9.74
C LYS D 106 -53.45 9.14 10.30
N LEU D 107 -52.88 8.15 10.99
CA LEU D 107 -53.65 7.05 11.55
C LEU D 107 -54.15 7.42 12.94
N THR D 108 -55.36 6.98 13.26
CA THR D 108 -55.97 7.30 14.55
C THR D 108 -56.65 6.07 15.14
N GLU E 1 26.39 11.74 -13.91
CA GLU E 1 24.96 11.97 -14.02
C GLU E 1 24.41 12.63 -12.77
N VAL E 2 25.20 12.62 -11.71
CA VAL E 2 24.82 13.24 -10.44
C VAL E 2 25.04 14.74 -10.56
N GLN E 3 24.06 15.52 -10.09
CA GLN E 3 24.14 16.97 -10.14
C GLN E 3 23.65 17.56 -8.83
N LEU E 4 24.35 18.59 -8.36
CA LEU E 4 23.96 19.34 -7.16
C LEU E 4 23.97 20.81 -7.51
N VAL E 5 22.83 21.48 -7.32
CA VAL E 5 22.65 22.86 -7.73
C VAL E 5 22.31 23.68 -6.49
N GLU E 6 23.27 24.48 -6.03
CA GLU E 6 23.06 25.38 -4.91
C GLU E 6 22.53 26.72 -5.39
N SER E 7 21.69 27.34 -4.56
CA SER E 7 21.15 28.65 -4.88
C SER E 7 20.69 29.32 -3.59
N GLY E 8 20.59 30.65 -3.65
CA GLY E 8 20.18 31.44 -2.51
C GLY E 8 21.19 32.47 -2.07
N GLY E 9 22.35 32.56 -2.71
CA GLY E 9 23.38 33.49 -2.31
C GLY E 9 23.01 34.93 -2.56
N GLY E 10 23.98 35.80 -2.30
CA GLY E 10 23.81 37.22 -2.46
C GLY E 10 24.59 37.96 -1.38
N VAL E 11 24.26 39.24 -1.22
CA VAL E 11 24.87 40.09 -0.20
C VAL E 11 23.84 40.33 0.88
N VAL E 12 24.31 40.42 2.13
CA VAL E 12 23.43 40.55 3.29
C VAL E 12 24.14 41.40 4.34
N GLN E 13 23.36 42.22 5.02
CA GLN E 13 23.89 42.99 6.14
C GLN E 13 24.14 42.06 7.34
N PRO E 14 25.17 42.34 8.14
CA PRO E 14 25.46 41.49 9.29
C PRO E 14 24.34 41.53 10.31
N GLY E 15 23.99 40.36 10.84
CA GLY E 15 22.96 40.22 11.85
C GLY E 15 21.67 39.59 11.35
N ARG E 16 21.43 39.59 10.04
CA ARG E 16 20.18 39.07 9.51
C ARG E 16 20.32 37.61 9.11
N SER E 17 19.25 37.03 8.59
CA SER E 17 19.18 35.62 8.25
C SER E 17 19.36 35.40 6.75
N LEU E 18 19.45 34.12 6.39
CA LEU E 18 19.57 33.68 5.01
C LEU E 18 19.43 32.17 5.00
N ARG E 19 18.87 31.65 3.90
CA ARG E 19 18.62 30.22 3.75
C ARG E 19 19.11 29.74 2.39
N LEU E 20 20.29 29.15 2.35
CA LEU E 20 20.76 28.51 1.13
C LEU E 20 19.97 27.24 0.86
N SER E 21 19.91 26.85 -0.41
CA SER E 21 19.22 25.63 -0.80
C SER E 21 20.00 24.96 -1.93
N CYS E 22 20.06 23.64 -1.89
CA CYS E 22 20.78 22.85 -2.88
C CYS E 22 19.86 21.75 -3.40
N ALA E 23 19.65 21.73 -4.71
CA ALA E 23 18.77 20.76 -5.35
C ALA E 23 19.60 19.61 -5.90
N ALA E 24 19.16 18.38 -5.63
CA ALA E 24 19.89 17.19 -6.01
C ALA E 24 19.15 16.43 -7.10
N SER E 25 19.91 15.92 -8.08
CA SER E 25 19.35 15.11 -9.14
C SER E 25 20.42 14.14 -9.62
N GLY E 26 19.99 12.92 -9.96
CA GLY E 26 20.89 11.89 -10.43
C GLY E 26 21.11 10.75 -9.44
N PHE E 27 20.44 10.76 -8.30
CA PHE E 27 20.57 9.72 -7.30
C PHE E 27 19.36 9.78 -6.38
N THR E 28 19.30 8.84 -5.44
CA THR E 28 18.23 8.80 -4.44
C THR E 28 18.63 9.71 -3.29
N PHE E 29 18.12 10.95 -3.32
CA PHE E 29 18.48 11.93 -2.30
C PHE E 29 18.08 11.49 -0.90
N SER E 30 17.00 10.71 -0.80
CA SER E 30 16.54 10.21 0.49
C SER E 30 17.39 9.08 1.04
N SER E 31 18.39 8.62 0.29
CA SER E 31 19.20 7.46 0.68
C SER E 31 20.61 7.82 1.10
N TYR E 32 21.02 9.08 0.99
CA TYR E 32 22.38 9.49 1.26
C TYR E 32 22.41 10.64 2.26
N ALA E 33 23.51 10.72 2.99
CA ALA E 33 23.77 11.88 3.84
C ALA E 33 24.38 13.00 3.02
N MET E 34 24.24 14.23 3.52
CA MET E 34 24.64 15.41 2.78
C MET E 34 25.44 16.34 3.68
N HIS E 35 26.25 17.19 3.05
CA HIS E 35 27.16 18.08 3.75
C HIS E 35 27.06 19.49 3.20
N TRP E 36 27.46 20.45 4.05
CA TRP E 36 27.75 21.81 3.62
C TRP E 36 29.22 22.10 3.89
N VAL E 37 29.92 22.58 2.88
CA VAL E 37 31.31 23.00 3.03
C VAL E 37 31.45 24.38 2.43
N ARG E 38 31.88 25.34 3.23
CA ARG E 38 32.11 26.70 2.78
C ARG E 38 33.60 26.97 2.63
N GLN E 39 33.92 27.90 1.74
CA GLN E 39 35.32 28.23 1.46
C GLN E 39 35.41 29.71 1.12
N ALA E 40 36.02 30.49 2.00
CA ALA E 40 36.25 31.90 1.74
C ALA E 40 37.21 32.06 0.56
N PRO E 41 37.07 33.13 -0.22
CA PRO E 41 37.94 33.30 -1.39
C PRO E 41 39.40 33.44 -0.98
N GLY E 42 40.22 32.53 -1.48
CA GLY E 42 41.62 32.45 -1.10
C GLY E 42 41.89 31.69 0.17
N LYS E 43 40.88 31.38 0.97
CA LYS E 43 41.05 30.63 2.20
C LYS E 43 40.84 29.14 1.93
N GLY E 44 41.04 28.32 2.96
CA GLY E 44 40.87 26.90 2.85
C GLY E 44 39.41 26.47 2.96
N LEU E 45 39.20 25.17 2.80
CA LEU E 45 37.88 24.58 2.94
C LEU E 45 37.52 24.44 4.41
N GLU E 46 36.27 24.75 4.74
CA GLU E 46 35.77 24.65 6.12
C GLU E 46 34.46 23.88 6.11
N TRP E 47 34.46 22.70 6.73
CA TRP E 47 33.24 21.92 6.88
C TRP E 47 32.25 22.65 7.77
N VAL E 48 30.97 22.60 7.39
CA VAL E 48 29.91 23.34 8.08
C VAL E 48 28.96 22.40 8.82
N ALA E 49 28.32 21.49 8.10
CA ALA E 49 27.28 20.66 8.70
C ALA E 49 27.11 19.38 7.91
N VAL E 50 26.51 18.38 8.56
CA VAL E 50 26.11 17.14 7.91
C VAL E 50 24.74 16.74 8.46
N ILE E 51 23.91 16.16 7.58
CA ILE E 51 22.60 15.65 7.96
C ILE E 51 22.43 14.25 7.39
N SER E 52 21.89 13.35 8.19
CA SER E 52 21.76 11.95 7.78
C SER E 52 20.69 11.82 6.69
N TYR E 53 20.53 10.58 6.20
CA TYR E 53 19.66 10.33 5.05
C TYR E 53 18.20 10.68 5.36
N ASP E 54 17.79 10.61 6.62
CA ASP E 54 16.41 10.87 7.00
C ASP E 54 16.31 11.99 8.04
N GLY E 55 17.32 12.85 8.12
CA GLY E 55 17.32 13.92 9.10
C GLY E 55 17.31 13.45 10.53
N SER E 56 17.78 12.23 10.79
CA SER E 56 17.78 11.71 12.16
C SER E 56 18.87 12.38 12.99
N ASN E 57 20.06 12.54 12.43
CA ASN E 57 21.18 13.15 13.13
C ASN E 57 21.69 14.36 12.37
N LYS E 58 22.17 15.35 13.13
CA LYS E 58 22.72 16.57 12.56
C LYS E 58 23.96 16.97 13.35
N TYR E 59 25.08 17.14 12.65
CA TYR E 59 26.31 17.59 13.28
C TYR E 59 26.74 18.90 12.65
N TYR E 60 27.21 19.83 13.49
CA TYR E 60 27.61 21.15 13.05
C TYR E 60 29.04 21.43 13.48
N ALA E 61 29.73 22.24 12.68
CA ALA E 61 31.04 22.73 13.09
C ALA E 61 30.89 23.73 14.23
N ASP E 62 31.92 23.80 15.08
CA ASP E 62 31.85 24.70 16.24
C ASP E 62 31.75 26.16 15.84
N SER E 63 32.18 26.52 14.63
CA SER E 63 32.10 27.92 14.19
C SER E 63 30.69 28.31 13.76
N VAL E 64 29.76 27.37 13.68
CA VAL E 64 28.39 27.66 13.27
C VAL E 64 27.36 27.10 14.23
N LYS E 65 27.77 26.41 15.29
CA LYS E 65 26.82 25.78 16.19
C LYS E 65 25.99 26.83 16.91
N GLY E 66 24.67 26.60 16.97
CA GLY E 66 23.76 27.53 17.59
C GLY E 66 23.24 28.62 16.67
N ARG E 67 23.78 28.73 15.46
CA ARG E 67 23.33 29.73 14.49
C ARG E 67 22.80 29.12 13.21
N PHE E 68 23.43 28.07 12.70
CA PHE E 68 23.02 27.45 11.44
C PHE E 68 22.19 26.22 11.72
N THR E 69 21.20 25.97 10.86
CA THR E 69 20.31 24.82 11.01
C THR E 69 20.22 24.11 9.67
N ILE E 70 20.81 22.92 9.58
CA ILE E 70 20.72 22.13 8.37
C ILE E 70 19.41 21.35 8.38
N SER E 71 18.85 21.15 7.19
CA SER E 71 17.57 20.47 7.05
C SER E 71 17.45 19.94 5.63
N ARG E 72 16.57 18.95 5.45
CA ARG E 72 16.38 18.33 4.16
C ARG E 72 14.91 17.99 3.95
N ASP E 73 14.46 18.11 2.71
CA ASP E 73 13.10 17.77 2.29
C ASP E 73 13.22 16.66 1.26
N ASN E 74 13.17 15.41 1.73
CA ASN E 74 13.33 14.25 0.84
C ASN E 74 12.22 14.16 -0.20
N SER E 75 11.11 14.87 0.00
CA SER E 75 10.02 14.84 -0.97
C SER E 75 10.47 15.42 -2.31
N LYS E 76 11.00 16.65 -2.28
CA LYS E 76 11.42 17.34 -3.50
C LYS E 76 12.92 17.24 -3.73
N SER E 77 13.63 16.42 -2.96
CA SER E 77 15.06 16.15 -3.16
C SER E 77 15.88 17.44 -3.12
N THR E 78 15.64 18.24 -2.07
CA THR E 78 16.35 19.50 -1.89
C THR E 78 16.97 19.55 -0.50
N LEU E 79 18.00 20.37 -0.36
CA LEU E 79 18.76 20.50 0.87
C LEU E 79 18.72 21.96 1.30
N TYR E 80 18.64 22.21 2.60
CA TYR E 80 18.55 23.57 3.11
C TYR E 80 19.61 23.82 4.18
N LEU E 81 20.01 25.09 4.30
CA LEU E 81 20.92 25.55 5.36
C LEU E 81 20.39 26.89 5.86
N GLN E 82 19.71 26.87 7.00
CA GLN E 82 19.11 28.07 7.57
C GLN E 82 20.15 28.78 8.44
N MET E 83 20.72 29.86 7.92
CA MET E 83 21.73 30.63 8.63
C MET E 83 21.11 31.94 9.13
N ASN E 84 21.27 32.20 10.43
CA ASN E 84 20.83 33.44 11.04
C ASN E 84 21.98 34.00 11.89
N ASN E 85 21.89 35.30 12.19
CA ASN E 85 22.92 36.00 12.95
C ASN E 85 24.28 35.89 12.26
N LEU E 86 24.34 36.42 11.04
CA LEU E 86 25.52 36.28 10.20
C LEU E 86 26.55 37.37 10.52
N ARG E 87 27.81 36.95 10.59
CA ARG E 87 28.95 37.81 10.86
C ARG E 87 29.75 38.02 9.58
N ALA E 88 30.87 38.74 9.71
CA ALA E 88 31.72 39.01 8.55
C ALA E 88 32.51 37.79 8.13
N GLU E 89 32.94 36.96 9.10
CA GLU E 89 33.73 35.77 8.79
C GLU E 89 32.93 34.70 8.06
N ASP E 90 31.61 34.85 7.94
CA ASP E 90 30.79 33.89 7.22
C ASP E 90 30.85 34.06 5.71
N THR E 91 31.58 35.06 5.22
CA THR E 91 31.70 35.29 3.78
C THR E 91 32.48 34.15 3.15
N ALA E 92 31.80 33.36 2.32
CA ALA E 92 32.43 32.20 1.68
C ALA E 92 31.49 31.68 0.59
N VAL E 93 32.06 30.83 -0.27
CA VAL E 93 31.27 30.08 -1.25
C VAL E 93 30.79 28.80 -0.60
N TYR E 94 29.48 28.54 -0.65
CA TYR E 94 28.86 27.46 0.09
C TYR E 94 28.52 26.33 -0.88
N TYR E 95 29.20 25.20 -0.73
CA TYR E 95 28.96 24.01 -1.53
C TYR E 95 28.12 23.01 -0.74
N CYS E 96 27.18 22.35 -1.42
CA CYS E 96 26.57 21.15 -0.89
C CYS E 96 27.31 19.94 -1.44
N ALA E 97 27.51 18.94 -0.59
CA ALA E 97 28.32 17.79 -0.96
C ALA E 97 27.57 16.51 -0.64
N ARG E 98 27.59 15.57 -1.59
CA ARG E 98 26.94 14.27 -1.43
C ARG E 98 27.91 13.35 -0.70
N ASP E 99 27.54 12.93 0.51
CA ASP E 99 28.34 11.95 1.24
C ASP E 99 28.13 10.57 0.64
N HIS E 100 29.21 9.78 0.59
CA HIS E 100 29.11 8.45 0.03
C HIS E 100 28.20 7.54 0.83
N LEU E 101 27.89 7.89 2.08
CA LEU E 101 27.07 7.09 2.96
C LEU E 101 25.81 7.86 3.35
N GLY E 102 24.94 7.19 4.11
CA GLY E 102 23.72 7.80 4.58
C GLY E 102 23.74 8.08 6.07
N TRP E 103 24.83 7.70 6.72
CA TRP E 103 25.02 7.85 8.16
C TRP E 103 23.89 7.15 8.93
N SER E 104 23.76 5.85 8.66
CA SER E 104 22.77 5.00 9.31
C SER E 104 23.38 4.01 10.29
N SER E 105 24.70 4.05 10.50
CA SER E 105 25.38 3.10 11.36
C SER E 105 26.39 3.84 12.23
N ILE E 106 26.82 3.17 13.30
CA ILE E 106 27.84 3.72 14.18
C ILE E 106 29.14 3.96 13.42
N TRP E 107 29.40 3.17 12.39
CA TRP E 107 30.67 3.19 11.66
C TRP E 107 30.61 4.04 10.40
N SER E 108 29.46 4.67 10.11
CA SER E 108 29.37 5.48 8.89
C SER E 108 30.22 6.74 8.99
N ALA E 109 30.19 7.41 10.15
CA ALA E 109 31.00 8.62 10.31
C ALA E 109 32.48 8.37 10.12
N PRO E 110 33.09 7.31 10.69
CA PRO E 110 34.51 7.06 10.39
C PRO E 110 34.77 6.74 8.92
N GLU E 111 33.79 6.15 8.23
CA GLU E 111 33.93 5.79 6.82
C GLU E 111 33.50 6.91 5.90
N SER E 112 33.12 8.07 6.43
CA SER E 112 32.48 9.11 5.64
C SER E 112 33.49 9.86 4.79
N PHE E 113 33.18 10.01 3.50
CA PHE E 113 33.90 10.90 2.62
C PHE E 113 32.91 11.50 1.63
N LEU E 114 33.27 12.65 1.08
CA LEU E 114 32.35 13.45 0.28
C LEU E 114 32.48 13.04 -1.18
N ASP E 115 31.41 12.47 -1.74
CA ASP E 115 31.49 11.83 -3.05
C ASP E 115 31.45 12.86 -4.18
N TYR E 116 30.38 13.64 -4.26
CA TYR E 116 30.21 14.64 -5.29
C TYR E 116 29.99 16.01 -4.66
N TRP E 117 30.33 17.05 -5.42
CA TRP E 117 30.21 18.42 -4.96
C TRP E 117 29.37 19.23 -5.94
N GLY E 118 28.89 20.38 -5.47
CA GLY E 118 28.21 21.33 -6.32
C GLY E 118 29.12 22.49 -6.71
N GLN E 119 28.65 23.29 -7.68
CA GLN E 119 29.47 24.38 -8.18
C GLN E 119 29.59 25.53 -7.19
N GLY E 120 28.67 25.64 -6.24
CA GLY E 120 28.83 26.61 -5.17
C GLY E 120 27.97 27.84 -5.36
N THR E 121 27.62 28.47 -4.23
CA THR E 121 26.92 29.74 -4.22
C THR E 121 27.61 30.68 -3.24
N LEU E 122 27.82 31.92 -3.66
CA LEU E 122 28.57 32.89 -2.87
C LEU E 122 27.64 33.66 -1.95
N VAL E 123 28.03 33.78 -0.68
CA VAL E 123 27.28 34.54 0.32
C VAL E 123 28.25 35.55 0.92
N THR E 124 28.09 36.82 0.55
CA THR E 124 28.95 37.89 1.03
C THR E 124 28.22 38.70 2.08
N VAL E 125 28.94 39.03 3.16
CA VAL E 125 28.38 39.86 4.22
C VAL E 125 29.09 41.21 4.20
N SER E 126 28.49 42.19 3.51
CA SER E 126 29.09 43.50 3.36
C SER E 126 28.64 44.43 4.48
N SER E 127 29.49 45.41 4.79
CA SER E 127 29.19 46.38 5.82
C SER E 127 29.94 47.69 5.58
N GLN F 1 47.06 25.55 14.06
CA GLN F 1 46.06 26.60 13.86
C GLN F 1 44.73 25.98 13.45
N SER F 2 44.81 24.81 12.81
CA SER F 2 43.64 24.02 12.45
C SER F 2 43.88 22.58 12.87
N VAL F 3 42.79 21.82 12.93
CA VAL F 3 42.85 20.47 13.51
C VAL F 3 43.81 19.58 12.72
N LEU F 4 43.76 19.65 11.39
CA LEU F 4 44.67 18.88 10.55
C LEU F 4 45.71 19.82 9.96
N THR F 5 46.98 19.46 10.14
CA THR F 5 48.10 20.32 9.74
C THR F 5 48.81 19.71 8.53
N GLN F 6 48.62 20.33 7.36
CA GLN F 6 49.38 20.03 6.17
C GLN F 6 50.18 21.27 5.74
N PRO F 7 51.31 21.09 5.09
CA PRO F 7 52.12 22.25 4.71
C PRO F 7 51.38 23.11 3.69
N PRO F 8 51.55 24.43 3.76
CA PRO F 8 50.73 25.31 2.92
C PRO F 8 51.07 25.24 1.44
N SER F 9 52.34 25.03 1.09
CA SER F 9 52.74 25.07 -0.31
C SER F 9 53.89 24.12 -0.56
N VAL F 10 53.82 23.38 -1.66
CA VAL F 10 54.93 22.57 -2.15
C VAL F 10 55.05 22.80 -3.65
N SER F 11 56.27 22.95 -4.13
CA SER F 11 56.54 23.18 -5.54
C SER F 11 57.47 22.09 -6.07
N ALA F 12 57.29 21.75 -7.34
CA ALA F 12 58.09 20.72 -7.98
C ALA F 12 58.02 20.89 -9.48
N ALA F 13 59.15 20.64 -10.15
CA ALA F 13 59.19 20.68 -11.59
C ALA F 13 58.35 19.54 -12.18
N PRO F 14 57.89 19.68 -13.41
CA PRO F 14 57.12 18.58 -14.03
C PRO F 14 57.93 17.30 -14.09
N GLY F 15 57.22 16.17 -13.97
CA GLY F 15 57.85 14.87 -13.97
C GLY F 15 58.42 14.42 -12.64
N GLN F 16 58.59 15.31 -11.68
CA GLN F 16 59.16 14.94 -10.39
C GLN F 16 58.13 14.22 -9.52
N LYS F 17 58.64 13.51 -8.52
CA LYS F 17 57.81 12.86 -7.52
C LYS F 17 57.61 13.81 -6.35
N VAL F 18 56.35 14.01 -5.97
CA VAL F 18 56.00 14.93 -4.88
C VAL F 18 55.10 14.20 -3.90
N THR F 19 55.30 14.46 -2.61
CA THR F 19 54.48 13.91 -1.53
C THR F 19 53.91 15.06 -0.71
N ILE F 20 52.67 14.88 -0.27
CA ILE F 20 51.96 15.88 0.54
C ILE F 20 51.39 15.16 1.74
N SER F 21 51.92 15.43 2.93
CA SER F 21 51.56 14.72 4.15
C SER F 21 50.84 15.66 5.10
N CYS F 22 49.72 15.21 5.65
CA CYS F 22 49.00 15.93 6.70
C CYS F 22 48.91 15.04 7.93
N SER F 23 49.14 15.64 9.10
CA SER F 23 49.17 14.91 10.35
C SER F 23 48.04 15.36 11.25
N GLY F 24 47.52 14.41 12.04
CA GLY F 24 46.46 14.70 12.99
C GLY F 24 46.67 13.98 14.31
N SER F 25 45.60 13.45 14.89
CA SER F 25 45.67 12.68 16.11
C SER F 25 45.07 11.30 15.88
N SER F 26 44.97 10.52 16.96
CA SER F 26 44.31 9.22 16.88
C SER F 26 42.80 9.33 16.76
N SER F 27 42.23 10.52 17.00
CA SER F 27 40.78 10.67 16.93
C SER F 27 40.28 10.89 15.51
N ASN F 28 41.10 11.46 14.63
CA ASN F 28 40.67 11.77 13.27
C ASN F 28 41.37 10.95 12.20
N ILE F 29 42.70 10.95 12.19
CA ILE F 29 43.43 10.29 11.11
C ILE F 29 43.83 8.88 11.51
N GLY F 30 44.13 8.68 12.79
CA GLY F 30 44.67 7.40 13.24
C GLY F 30 43.73 6.22 13.01
N ASN F 31 42.43 6.46 13.02
CA ASN F 31 41.46 5.39 12.88
C ASN F 31 40.49 5.56 11.72
N ASN F 32 40.12 6.79 11.37
CA ASN F 32 39.07 7.01 10.38
C ASN F 32 39.66 7.11 8.98
N TYR F 33 38.78 7.00 7.99
CA TYR F 33 39.20 6.94 6.59
C TYR F 33 39.54 8.34 6.09
N VAL F 34 40.80 8.55 5.72
CA VAL F 34 41.26 9.84 5.22
C VAL F 34 40.89 9.96 3.75
N SER F 35 40.33 11.10 3.37
CA SER F 35 39.97 11.37 1.99
C SER F 35 40.70 12.61 1.49
N TRP F 36 41.18 12.54 0.25
CA TRP F 36 41.89 13.65 -0.38
C TRP F 36 41.03 14.26 -1.47
N TYR F 37 41.17 15.56 -1.65
CA TYR F 37 40.38 16.31 -2.62
C TYR F 37 41.27 17.25 -3.40
N GLN F 38 41.02 17.33 -4.72
CA GLN F 38 41.74 18.23 -5.60
C GLN F 38 40.81 19.36 -6.03
N GLN F 39 41.25 20.60 -5.85
CA GLN F 39 40.49 21.78 -6.23
C GLN F 39 41.29 22.56 -7.27
N LEU F 40 40.94 22.38 -8.54
CA LEU F 40 41.55 23.15 -9.60
C LEU F 40 41.11 24.61 -9.51
N PRO F 41 41.91 25.54 -10.04
CA PRO F 41 41.55 26.96 -9.95
C PRO F 41 40.17 27.23 -10.54
N GLY F 42 39.31 27.84 -9.73
CA GLY F 42 37.95 28.14 -10.14
C GLY F 42 37.03 26.96 -10.24
N THR F 43 37.44 25.79 -9.75
CA THR F 43 36.65 24.58 -9.81
C THR F 43 36.21 24.15 -8.41
N ALA F 44 35.07 23.48 -8.35
CA ALA F 44 34.63 22.87 -7.11
C ALA F 44 35.57 21.73 -6.73
N PRO F 45 35.69 21.42 -5.43
CA PRO F 45 36.54 20.30 -5.02
C PRO F 45 36.13 19.00 -5.69
N LYS F 46 37.10 18.10 -5.84
CA LYS F 46 36.91 16.86 -6.57
C LYS F 46 37.55 15.72 -5.80
N LEU F 47 36.81 14.62 -5.61
CA LEU F 47 37.29 13.49 -4.82
C LEU F 47 38.52 12.86 -5.45
N LEU F 48 39.67 12.98 -4.78
CA LEU F 48 40.92 12.42 -5.27
C LEU F 48 41.18 11.01 -4.73
N ILE F 49 41.05 10.84 -3.42
CA ILE F 49 41.36 9.57 -2.76
C ILE F 49 40.29 9.30 -1.71
N TYR F 50 39.84 8.04 -1.65
CA TYR F 50 38.89 7.61 -0.63
C TYR F 50 39.38 6.33 0.03
N ASP F 51 38.93 6.12 1.27
CA ASP F 51 39.35 5.02 2.14
C ASP F 51 40.87 4.97 2.31
N SER F 52 41.51 6.11 2.06
CA SER F 52 42.87 6.48 2.45
C SER F 52 43.96 5.80 1.62
N ASN F 53 43.62 4.88 0.72
CA ASN F 53 44.54 4.56 -0.36
C ASN F 53 43.88 4.37 -1.72
N LYS F 54 42.57 4.59 -1.86
CA LYS F 54 41.87 4.16 -3.06
C LYS F 54 41.62 5.32 -4.02
N ARG F 55 41.61 4.98 -5.32
CA ARG F 55 41.30 5.93 -6.38
C ARG F 55 39.90 5.68 -6.93
N PRO F 56 39.11 6.74 -7.11
CA PRO F 56 37.86 6.60 -7.86
C PRO F 56 38.13 6.33 -9.33
N SER F 57 37.11 5.82 -10.01
CA SER F 57 37.24 5.51 -11.44
C SER F 57 37.34 6.81 -12.22
N GLY F 58 38.54 7.11 -12.72
CA GLY F 58 38.76 8.34 -13.45
C GLY F 58 40.04 9.04 -13.04
N ILE F 59 40.44 8.85 -11.78
CA ILE F 59 41.67 9.46 -11.28
C ILE F 59 42.87 8.70 -11.84
N PRO F 60 43.81 9.36 -12.50
CA PRO F 60 44.99 8.66 -13.02
C PRO F 60 45.79 8.01 -11.90
N ASP F 61 46.43 6.89 -12.23
CA ASP F 61 47.18 6.15 -11.23
C ASP F 61 48.47 6.83 -10.81
N ARG F 62 48.77 8.03 -11.32
CA ARG F 62 49.88 8.82 -10.79
C ARG F 62 49.63 9.21 -9.35
N PHE F 63 48.38 9.24 -8.91
CA PHE F 63 48.02 9.62 -7.55
C PHE F 63 47.88 8.37 -6.68
N SER F 64 48.59 8.35 -5.55
CA SER F 64 48.52 7.25 -4.62
C SER F 64 48.19 7.78 -3.23
N GLY F 65 47.46 6.97 -2.46
CA GLY F 65 47.07 7.30 -1.10
C GLY F 65 47.83 6.42 -0.11
N SER F 66 48.17 7.00 1.04
CA SER F 66 48.90 6.28 2.07
C SER F 66 48.51 6.81 3.43
N LYS F 67 48.55 5.93 4.43
CA LYS F 67 48.29 6.29 5.81
C LYS F 67 49.25 5.52 6.70
N SER F 68 49.72 6.18 7.76
CA SER F 68 50.69 5.57 8.68
C SER F 68 50.56 6.25 10.03
N GLY F 69 50.15 5.50 11.04
CA GLY F 69 49.96 6.08 12.36
C GLY F 69 48.85 7.11 12.37
N THR F 70 49.18 8.34 12.74
CA THR F 70 48.24 9.45 12.79
C THR F 70 48.62 10.53 11.80
N SER F 71 49.05 10.11 10.60
CA SER F 71 49.44 11.03 9.55
C SER F 71 49.31 10.33 8.20
N ALA F 72 48.58 10.94 7.29
CA ALA F 72 48.37 10.41 5.95
C ALA F 72 49.13 11.23 4.93
N THR F 73 49.60 10.56 3.87
CA THR F 73 50.42 11.19 2.85
C THR F 73 49.79 10.97 1.47
N LEU F 74 49.89 11.99 0.63
CA LEU F 74 49.48 11.91 -0.77
C LEU F 74 50.72 11.77 -1.65
N GLY F 75 50.51 11.22 -2.84
CA GLY F 75 51.62 11.00 -3.75
C GLY F 75 51.31 11.26 -5.21
N ILE F 76 52.23 11.89 -5.93
CA ILE F 76 52.11 12.10 -7.36
C ILE F 76 53.47 11.75 -7.99
N THR F 77 53.51 10.63 -8.71
CA THR F 77 54.70 10.19 -9.44
C THR F 77 54.59 10.68 -10.87
N GLY F 78 55.41 11.65 -11.25
CA GLY F 78 55.31 12.22 -12.58
C GLY F 78 54.39 13.42 -12.67
N LEU F 79 54.62 14.40 -11.79
CA LEU F 79 53.79 15.60 -11.76
C LEU F 79 53.75 16.28 -13.13
N GLN F 80 52.56 16.71 -13.52
CA GLN F 80 52.32 17.40 -14.78
C GLN F 80 51.56 18.69 -14.51
N THR F 81 51.84 19.71 -15.33
CA THR F 81 51.32 21.05 -15.07
C THR F 81 49.81 21.13 -15.09
N GLY F 82 49.11 20.07 -15.47
CA GLY F 82 47.67 20.02 -15.29
C GLY F 82 47.24 19.63 -13.90
N ASP F 83 48.18 19.35 -13.00
CA ASP F 83 47.89 18.97 -11.62
C ASP F 83 48.16 20.08 -10.63
N GLU F 84 48.59 21.27 -11.08
CA GLU F 84 48.83 22.37 -10.17
C GLU F 84 47.50 22.86 -9.61
N ALA F 85 47.25 22.57 -8.35
CA ALA F 85 45.99 22.91 -7.70
C ALA F 85 46.19 22.87 -6.19
N ASP F 86 45.10 22.97 -5.45
CA ASP F 86 45.12 22.84 -4.01
C ASP F 86 44.60 21.47 -3.60
N TYR F 87 45.26 20.87 -2.61
CA TYR F 87 44.94 19.52 -2.16
C TYR F 87 44.57 19.57 -0.68
N TYR F 88 43.45 18.95 -0.33
CA TYR F 88 42.90 18.99 1.01
C TYR F 88 42.70 17.59 1.54
N CYS F 89 43.41 17.25 2.61
CA CYS F 89 43.12 16.03 3.34
C CYS F 89 42.02 16.30 4.35
N GLY F 90 41.17 15.30 4.57
CA GLY F 90 40.02 15.47 5.44
C GLY F 90 39.51 14.15 5.93
N THR F 91 38.92 14.18 7.13
CA THR F 91 38.41 12.97 7.78
C THR F 91 37.49 13.40 8.91
N TRP F 92 36.87 12.40 9.54
CA TRP F 92 35.95 12.61 10.64
C TRP F 92 36.69 12.44 11.95
N ASP F 93 36.48 13.38 12.87
CA ASP F 93 37.12 13.35 14.18
C ASP F 93 36.13 12.83 15.21
N SER F 94 36.47 11.70 15.84
CA SER F 94 35.54 11.05 16.75
C SER F 94 35.48 11.72 18.11
N SER F 95 36.56 12.38 18.53
CA SER F 95 36.54 13.09 19.82
C SER F 95 35.75 14.38 19.73
N LEU F 96 35.81 15.06 18.58
CA LEU F 96 35.08 16.30 18.37
C LEU F 96 33.66 16.09 17.88
N SER F 97 33.37 14.94 17.26
CA SER F 97 32.12 14.72 16.54
C SER F 97 31.92 15.82 15.50
N VAL F 98 32.97 16.06 14.71
CA VAL F 98 33.00 17.12 13.71
C VAL F 98 33.90 16.66 12.56
N TRP F 99 33.40 16.80 11.33
CA TRP F 99 34.21 16.51 10.15
C TRP F 99 35.15 17.68 9.92
N VAL F 100 36.43 17.38 9.68
CA VAL F 100 37.47 18.39 9.60
C VAL F 100 38.24 18.26 8.30
N PHE F 101 38.62 19.39 7.71
CA PHE F 101 39.52 19.45 6.58
C PHE F 101 40.91 19.87 7.04
N GLY F 102 41.85 19.90 6.10
CA GLY F 102 43.17 20.41 6.37
C GLY F 102 43.32 21.86 5.93
N GLY F 103 44.48 22.43 6.25
CA GLY F 103 44.77 23.80 5.86
C GLY F 103 44.84 23.98 4.35
N GLY F 104 45.21 22.93 3.63
CA GLY F 104 45.34 22.99 2.20
C GLY F 104 46.80 23.07 1.77
N THR F 105 47.09 22.51 0.60
CA THR F 105 48.45 22.50 0.05
C THR F 105 48.38 22.96 -1.40
N LYS F 106 48.92 24.16 -1.66
CA LYS F 106 49.00 24.66 -3.02
C LYS F 106 50.22 24.09 -3.73
N LEU F 107 50.01 23.49 -4.89
CA LEU F 107 51.06 22.81 -5.64
C LEU F 107 51.41 23.58 -6.90
N THR F 108 52.70 23.70 -7.17
CA THR F 108 53.18 24.38 -8.38
C THR F 108 54.04 23.45 -9.22
#